data_7C92
#
_entry.id   7C92
#
_cell.length_a   57.362
_cell.length_b   103.644
_cell.length_c   186.792
_cell.angle_alpha   90.000
_cell.angle_beta   90.000
_cell.angle_gamma   90.000
#
_symmetry.space_group_name_H-M   'P 21 21 21'
#
loop_
_entity.id
_entity.type
_entity.pdbx_description
1 polymer Chitinase
2 non-polymer 6-azanyl-11-methyl-2-oxidanylidene-N-(pyridin-3-ylmethyl)-1,7,9-triazatricyclo[8.4.0.0^3,8]tetradeca-3(8),4,6,9,11,13-hexaene-5-carboxamide
3 water water
#
_entity_poly.entity_id   1
_entity_poly.type   'polypeptide(L)'
_entity_poly.pdbx_seq_one_letter_code
;DPSSRSTRKAVIGYYFIPTNQINNYTETDTSVVPFPVSNITPAKAKQLTHINFSFLDINSNLECAWDPATNDAKARDVVN
RLTALKAHNPSLRIMFSIGGWYYSNDLGVSHANYVNAVKTPASRAKFAQSCVRIMKDYGFDGVDIDWEYPQAAEVDGFIA
ALQEIRTLLNQQTITDGRQALPYQLTIAGAGGAFFLSRYYSKLAQIVAPLDYINLMTYDLAGPWEKVTNHQAALFGDAAG
PTFYNALREANLGWSWEELTRAFPSPFSLTVDAAVQQHLMMEGVPSAKIVMGVPFYGRAFKGVSGGNGGQYSSHSTPGED
PYPSTDYWLVGCEECVRDKDPRIASYRQLEQMLQGNYGYQRLWNDKTKTPYLYHAQNGLFVTYDDAESFKYKAKYIKQQQ
LGGVMFWHLGQDNRNGDLLAALDRYFNAADYDDSQLDMGTGLRYTGVGPGNLPIMTAPAYVPGTTYAQGALVSYQGYVWQ
TKWGYITSAPGSDSAWLKVGRVAHHHHHH
;
_entity_poly.pdbx_strand_id   A,B
#
# COMPACT_ATOMS: atom_id res chain seq x y z
N THR A 7 -15.35 -6.29 -16.72
CA THR A 7 -15.86 -4.93 -16.49
C THR A 7 -15.60 -4.45 -15.05
N ARG A 8 -15.21 -3.18 -14.95
CA ARG A 8 -14.70 -2.59 -13.73
C ARG A 8 -15.72 -2.64 -12.61
N LYS A 9 -15.27 -3.06 -11.42
CA LYS A 9 -16.12 -3.03 -10.24
C LYS A 9 -16.38 -1.58 -9.84
N ALA A 10 -17.61 -1.29 -9.46
CA ALA A 10 -17.92 0.05 -8.95
C ALA A 10 -17.19 0.28 -7.63
N VAL A 11 -16.78 1.53 -7.42
CA VAL A 11 -16.18 1.96 -6.16
C VAL A 11 -16.82 3.30 -5.80
N ILE A 12 -17.77 3.26 -4.86
CA ILE A 12 -18.72 4.34 -4.61
C ILE A 12 -18.42 4.93 -3.23
N GLY A 13 -17.83 6.12 -3.20
CA GLY A 13 -17.48 6.78 -1.94
C GLY A 13 -18.44 7.91 -1.60
N TYR A 14 -18.86 7.94 -0.33
CA TYR A 14 -19.70 9.02 0.15
C TYR A 14 -18.83 10.23 0.49
N TYR A 15 -19.18 11.38 -0.08
CA TYR A 15 -18.68 12.66 0.40
C TYR A 15 -19.82 13.29 1.18
N PHE A 16 -19.68 13.37 2.50
CA PHE A 16 -20.69 13.98 3.34
C PHE A 16 -20.18 15.32 3.86
N ILE A 17 -20.98 16.36 3.67
CA ILE A 17 -20.61 17.65 4.22
C ILE A 17 -21.88 18.28 4.78
N PRO A 18 -21.87 18.66 6.07
CA PRO A 18 -23.06 19.28 6.68
C PRO A 18 -23.30 20.68 6.16
N THR A 19 -24.51 21.19 6.43
CA THR A 19 -24.90 22.49 5.91
C THR A 19 -23.94 23.58 6.38
N ASN A 20 -23.56 23.56 7.66
CA ASN A 20 -22.77 24.66 8.21
C ASN A 20 -21.33 24.64 7.68
N GLN A 21 -20.79 23.47 7.37
CA GLN A 21 -19.52 23.40 6.65
C GLN A 21 -19.65 23.93 5.24
N ILE A 22 -20.79 23.71 4.58
CA ILE A 22 -21.01 24.33 3.28
C ILE A 22 -21.05 25.84 3.42
N ASN A 23 -21.92 26.34 4.30
CA ASN A 23 -22.12 27.79 4.44
C ASN A 23 -20.83 28.50 4.81
N ASN A 24 -19.93 27.80 5.48
CA ASN A 24 -18.64 28.34 5.87
C ASN A 24 -17.50 27.66 5.11
N TYR A 25 -17.76 27.19 3.89
CA TYR A 25 -16.78 26.38 3.18
C TYR A 25 -15.45 27.12 3.02
N THR A 26 -14.38 26.42 3.39
CA THR A 26 -13.01 26.81 3.13
C THR A 26 -12.19 25.54 2.95
N GLU A 27 -11.08 25.65 2.23
CA GLU A 27 -10.15 24.55 2.09
C GLU A 27 -8.85 24.77 2.87
N THR A 28 -8.82 25.76 3.77
CA THR A 28 -7.63 26.19 4.49
C THR A 28 -7.87 26.24 5.99
N ASP A 29 -8.75 25.38 6.52
CA ASP A 29 -8.98 25.32 7.95
C ASP A 29 -9.74 24.05 8.33
N THR A 30 -9.01 22.99 8.69
CA THR A 30 -9.65 21.74 9.05
C THR A 30 -10.48 21.82 10.33
N SER A 31 -10.52 22.97 11.00
CA SER A 31 -11.39 23.15 12.14
C SER A 31 -12.77 23.68 11.77
N VAL A 32 -12.87 24.29 10.59
CA VAL A 32 -14.17 24.60 9.98
C VAL A 32 -14.66 23.44 9.13
N VAL A 33 -13.85 23.00 8.18
CA VAL A 33 -14.16 21.90 7.29
C VAL A 33 -13.05 20.86 7.42
N PRO A 34 -13.32 19.74 8.09
CA PRO A 34 -12.26 18.73 8.26
C PRO A 34 -11.77 18.11 6.97
N PHE A 35 -12.64 17.91 6.00
CA PHE A 35 -12.30 17.17 4.77
C PHE A 35 -12.85 17.94 3.59
N PRO A 36 -12.14 18.97 3.14
CA PRO A 36 -12.56 19.68 1.92
C PRO A 36 -12.28 18.83 0.69
N VAL A 37 -12.87 19.26 -0.43
CA VAL A 37 -12.77 18.51 -1.68
C VAL A 37 -11.32 18.44 -2.17
N SER A 38 -10.48 19.43 -1.80
CA SER A 38 -9.08 19.39 -2.21
C SER A 38 -8.33 18.17 -1.68
N ASN A 39 -8.84 17.50 -0.65
CA ASN A 39 -8.21 16.26 -0.20
C ASN A 39 -8.44 15.10 -1.15
N ILE A 40 -9.40 15.23 -2.07
CA ILE A 40 -9.58 14.21 -3.11
C ILE A 40 -8.60 14.52 -4.22
N THR A 41 -7.45 13.88 -4.19
CA THR A 41 -6.42 14.14 -5.18
C THR A 41 -6.77 13.45 -6.49
N PRO A 42 -6.11 13.86 -7.58
CA PRO A 42 -6.28 13.14 -8.86
C PRO A 42 -6.13 11.63 -8.75
N ALA A 43 -5.16 11.16 -7.96
CA ALA A 43 -4.98 9.72 -7.76
C ALA A 43 -6.25 9.11 -7.19
N LYS A 44 -6.76 9.69 -6.10
CA LYS A 44 -7.96 9.15 -5.46
C LYS A 44 -9.18 9.28 -6.36
N ALA A 45 -9.27 10.35 -7.15
CA ALA A 45 -10.34 10.46 -8.14
C ALA A 45 -10.30 9.31 -9.12
N LYS A 46 -9.09 8.90 -9.52
CA LYS A 46 -8.96 7.77 -10.43
C LYS A 46 -9.38 6.47 -9.78
N GLN A 47 -9.31 6.37 -8.44
CA GLN A 47 -9.65 5.13 -7.76
C GLN A 47 -11.15 5.01 -7.50
N LEU A 48 -11.87 6.12 -7.63
CA LEU A 48 -13.31 6.15 -7.45
C LEU A 48 -14.00 5.98 -8.79
N THR A 49 -15.16 5.31 -8.80
CA THR A 49 -16.03 5.37 -9.95
C THR A 49 -17.25 6.24 -9.70
N HIS A 50 -17.65 6.41 -8.44
CA HIS A 50 -18.75 7.27 -8.06
C HIS A 50 -18.42 7.96 -6.76
N ILE A 51 -18.84 9.21 -6.63
CA ILE A 51 -18.91 9.88 -5.34
C ILE A 51 -20.36 10.23 -5.09
N ASN A 52 -20.88 9.81 -3.93
CA ASN A 52 -22.25 10.12 -3.50
C ASN A 52 -22.17 11.38 -2.65
N PHE A 53 -22.44 12.53 -3.27
CA PHE A 53 -22.56 13.75 -2.50
C PHE A 53 -23.80 13.68 -1.60
N SER A 54 -23.64 14.06 -0.34
CA SER A 54 -24.70 13.83 0.64
C SER A 54 -24.68 14.96 1.66
N PHE A 55 -25.86 15.38 2.15
CA PHE A 55 -27.19 14.84 1.79
C PHE A 55 -28.15 15.95 1.33
N LEU A 56 -28.97 15.66 0.32
CA LEU A 56 -30.11 16.48 0.00
C LEU A 56 -31.35 15.85 0.64
N ASP A 57 -32.52 16.47 0.44
CA ASP A 57 -33.72 16.10 1.18
C ASP A 57 -34.93 16.18 0.26
N ILE A 58 -36.10 15.90 0.85
CA ILE A 58 -37.40 16.15 0.25
C ILE A 58 -38.11 17.18 1.13
N ASN A 59 -38.46 18.32 0.56
CA ASN A 59 -39.05 19.37 1.38
C ASN A 59 -40.55 19.11 1.54
N SER A 60 -41.21 19.98 2.31
CA SER A 60 -42.64 19.80 2.55
C SER A 60 -43.47 19.96 1.29
N ASN A 61 -42.89 20.54 0.24
CA ASN A 61 -43.56 20.58 -1.04
C ASN A 61 -43.41 19.29 -1.82
N LEU A 62 -42.82 18.26 -1.20
CA LEU A 62 -42.66 16.93 -1.80
C LEU A 62 -41.79 17.02 -3.05
N GLU A 63 -40.74 17.84 -2.99
CA GLU A 63 -39.76 17.96 -4.06
C GLU A 63 -38.36 17.78 -3.47
N CYS A 64 -37.46 17.25 -4.30
CA CYS A 64 -36.06 17.16 -3.91
C CYS A 64 -35.49 18.56 -3.69
N ALA A 65 -34.83 18.77 -2.56
CA ALA A 65 -34.33 20.11 -2.27
C ALA A 65 -33.14 20.05 -1.32
N TRP A 66 -32.33 21.10 -1.39
CA TRP A 66 -31.32 21.35 -0.37
C TRP A 66 -31.99 21.79 0.93
N ASP A 67 -31.27 21.58 2.02
CA ASP A 67 -31.62 22.13 3.32
C ASP A 67 -31.90 23.63 3.18
N PRO A 68 -33.06 24.11 3.64
CA PRO A 68 -33.38 25.54 3.48
C PRO A 68 -32.28 26.48 3.94
N ALA A 69 -31.51 26.08 4.96
CA ALA A 69 -30.43 26.89 5.50
C ALA A 69 -29.20 26.95 4.60
N THR A 70 -29.18 26.26 3.46
CA THR A 70 -27.98 26.20 2.63
C THR A 70 -27.79 27.51 1.86
N ASN A 71 -26.57 28.04 1.89
CA ASN A 71 -26.15 29.10 0.98
C ASN A 71 -25.99 28.50 -0.41
N ASP A 72 -26.87 28.88 -1.33
CA ASP A 72 -26.87 28.21 -2.63
C ASP A 72 -25.62 28.53 -3.45
N ALA A 73 -25.02 29.71 -3.26
CA ALA A 73 -23.76 29.98 -3.96
C ALA A 73 -22.65 29.08 -3.44
N LYS A 74 -22.49 29.01 -2.12
CA LYS A 74 -21.48 28.13 -1.53
C LYS A 74 -21.71 26.67 -1.94
N ALA A 75 -22.98 26.25 -1.98
CA ALA A 75 -23.29 24.88 -2.37
C ALA A 75 -22.86 24.61 -3.82
N ARG A 76 -23.12 25.55 -4.73
CA ARG A 76 -22.72 25.34 -6.12
C ARG A 76 -21.21 25.23 -6.24
N ASP A 77 -20.46 25.96 -5.41
CA ASP A 77 -19.01 25.92 -5.51
C ASP A 77 -18.45 24.58 -5.04
N VAL A 78 -18.95 24.07 -3.92
CA VAL A 78 -18.53 22.75 -3.43
C VAL A 78 -18.81 21.67 -4.47
N VAL A 79 -19.97 21.73 -5.12
CA VAL A 79 -20.31 20.71 -6.10
C VAL A 79 -19.46 20.86 -7.36
N ASN A 80 -19.20 22.10 -7.78
CA ASN A 80 -18.34 22.32 -8.94
C ASN A 80 -16.94 21.78 -8.69
N ARG A 81 -16.45 21.92 -7.46
CA ARG A 81 -15.15 21.35 -7.12
C ARG A 81 -15.16 19.83 -7.27
N LEU A 82 -16.23 19.17 -6.82
CA LEU A 82 -16.32 17.73 -6.99
C LEU A 82 -16.42 17.35 -8.46
N THR A 83 -17.26 18.05 -9.23
CA THR A 83 -17.37 17.68 -10.64
C THR A 83 -16.11 18.01 -11.42
N ALA A 84 -15.29 18.99 -10.97
CA ALA A 84 -14.02 19.22 -11.65
C ALA A 84 -13.13 17.98 -11.59
N LEU A 85 -13.27 17.16 -10.55
CA LEU A 85 -12.50 15.92 -10.46
C LEU A 85 -12.66 15.05 -11.69
N LYS A 86 -13.78 15.17 -12.40
CA LYS A 86 -13.95 14.34 -13.58
C LYS A 86 -12.89 14.61 -14.63
N ALA A 87 -12.18 15.74 -14.54
CA ALA A 87 -11.03 15.97 -15.42
C ALA A 87 -10.01 14.83 -15.30
N HIS A 88 -9.82 14.31 -14.10
CA HIS A 88 -8.83 13.27 -13.86
C HIS A 88 -9.34 11.86 -14.09
N ASN A 89 -10.64 11.70 -14.36
CA ASN A 89 -11.24 10.37 -14.47
C ASN A 89 -12.52 10.47 -15.28
N PRO A 90 -12.47 10.16 -16.58
CA PRO A 90 -13.70 10.28 -17.40
C PRO A 90 -14.78 9.30 -17.02
N SER A 91 -14.48 8.26 -16.24
CA SER A 91 -15.53 7.36 -15.78
C SER A 91 -16.26 7.88 -14.55
N LEU A 92 -15.73 8.89 -13.89
CA LEU A 92 -16.19 9.27 -12.55
C LEU A 92 -17.56 9.93 -12.59
N ARG A 93 -18.42 9.55 -11.65
CA ARG A 93 -19.74 10.13 -11.53
C ARG A 93 -19.88 10.78 -10.17
N ILE A 94 -20.33 12.03 -10.16
CA ILE A 94 -20.72 12.71 -8.93
C ILE A 94 -22.23 12.53 -8.81
N MET A 95 -22.64 11.51 -8.07
CA MET A 95 -24.03 11.36 -7.70
C MET A 95 -24.36 12.34 -6.60
N PHE A 96 -25.65 12.56 -6.36
CA PHE A 96 -26.10 13.16 -5.11
C PHE A 96 -27.07 12.22 -4.43
N SER A 97 -27.14 12.31 -3.10
CA SER A 97 -27.95 11.43 -2.28
C SER A 97 -29.08 12.20 -1.61
N ILE A 98 -30.30 11.67 -1.75
CA ILE A 98 -31.49 12.22 -1.12
C ILE A 98 -31.78 11.36 0.10
N GLY A 99 -31.79 11.97 1.28
CA GLY A 99 -32.16 11.21 2.45
C GLY A 99 -31.07 11.07 3.50
N GLY A 100 -30.66 9.84 3.78
CA GLY A 100 -29.86 9.55 4.93
C GLY A 100 -30.72 9.31 6.18
N TRP A 101 -30.10 8.71 7.19
CA TRP A 101 -30.82 8.37 8.40
C TRP A 101 -31.50 9.59 9.01
N TYR A 102 -30.75 10.69 9.18
CA TYR A 102 -31.25 11.85 9.90
C TYR A 102 -32.55 12.37 9.31
N TYR A 103 -32.61 12.49 7.98
CA TYR A 103 -33.81 13.06 7.37
C TYR A 103 -34.95 12.06 7.31
N SER A 104 -34.65 10.79 7.05
CA SER A 104 -35.64 9.91 6.48
C SER A 104 -36.03 8.73 7.36
N ASN A 105 -35.35 8.51 8.48
CA ASN A 105 -35.76 7.45 9.37
C ASN A 105 -37.19 7.71 9.87
N ASP A 106 -37.83 6.67 10.40
CA ASP A 106 -39.23 6.80 10.82
C ASP A 106 -39.45 8.04 11.65
N LEU A 107 -38.50 8.38 12.51
CA LEU A 107 -38.65 9.47 13.44
C LEU A 107 -37.92 10.74 13.01
N GLY A 108 -37.28 10.74 11.83
CA GLY A 108 -36.49 11.88 11.40
C GLY A 108 -37.32 13.06 10.94
N VAL A 109 -36.65 14.21 10.83
CA VAL A 109 -37.38 15.47 10.69
C VAL A 109 -38.19 15.54 9.38
N SER A 110 -37.75 14.83 8.34
CA SER A 110 -38.40 14.98 7.04
C SER A 110 -39.21 13.74 6.63
N HIS A 111 -39.42 12.80 7.56
CA HIS A 111 -39.91 11.47 7.20
C HIS A 111 -41.22 11.50 6.43
N ALA A 112 -42.18 12.31 6.90
CA ALA A 112 -43.49 12.36 6.22
C ALA A 112 -43.38 12.82 4.78
N ASN A 113 -42.40 13.68 4.46
CA ASN A 113 -42.23 14.12 3.07
C ASN A 113 -41.89 12.96 2.15
N TYR A 114 -41.13 11.98 2.65
CA TYR A 114 -40.81 10.82 1.83
C TYR A 114 -42.05 9.97 1.61
N VAL A 115 -42.85 9.79 2.67
CA VAL A 115 -44.12 9.07 2.58
C VAL A 115 -45.02 9.74 1.56
N ASN A 116 -45.15 11.07 1.64
CA ASN A 116 -46.12 11.74 0.80
C ASN A 116 -45.63 11.91 -0.63
N ALA A 117 -44.31 11.98 -0.85
CA ALA A 117 -43.80 12.18 -2.20
C ALA A 117 -44.16 11.03 -3.11
N VAL A 118 -44.21 9.81 -2.60
CA VAL A 118 -44.38 8.64 -3.44
C VAL A 118 -45.83 8.16 -3.47
N LYS A 119 -46.74 8.89 -2.81
CA LYS A 119 -48.05 8.36 -2.48
C LYS A 119 -49.00 8.30 -3.68
N THR A 120 -48.90 9.20 -4.65
CA THR A 120 -49.83 9.30 -5.76
C THR A 120 -49.11 9.46 -7.09
N PRO A 121 -49.81 9.25 -8.22
CA PRO A 121 -49.19 9.51 -9.52
C PRO A 121 -48.69 10.93 -9.66
N ALA A 122 -49.48 11.92 -9.27
CA ALA A 122 -49.04 13.31 -9.45
C ALA A 122 -47.89 13.64 -8.52
N SER A 123 -47.90 13.10 -7.29
CA SER A 123 -46.82 13.38 -6.36
C SER A 123 -45.52 12.76 -6.86
N ARG A 124 -45.59 11.54 -7.40
CA ARG A 124 -44.39 10.88 -7.90
C ARG A 124 -43.85 11.58 -9.13
N ALA A 125 -44.73 11.93 -10.07
CA ALA A 125 -44.27 12.66 -11.24
C ALA A 125 -43.61 13.96 -10.83
N LYS A 126 -44.22 14.69 -9.90
CA LYS A 126 -43.64 15.94 -9.43
C LYS A 126 -42.30 15.72 -8.72
N PHE A 127 -42.20 14.66 -7.91
CA PHE A 127 -40.96 14.39 -7.19
C PHE A 127 -39.86 13.92 -8.14
N ALA A 128 -40.20 13.02 -9.07
CA ALA A 128 -39.22 12.56 -10.05
C ALA A 128 -38.67 13.72 -10.87
N GLN A 129 -39.53 14.65 -11.27
CA GLN A 129 -39.06 15.79 -12.04
C GLN A 129 -38.10 16.63 -11.20
N SER A 130 -38.47 16.91 -9.96
CA SER A 130 -37.60 17.69 -9.09
C SER A 130 -36.23 17.06 -8.96
N CYS A 131 -36.14 15.72 -8.97
CA CYS A 131 -34.84 15.07 -8.89
C CYS A 131 -33.98 15.39 -10.10
N VAL A 132 -34.55 15.25 -11.30
CA VAL A 132 -33.80 15.48 -12.53
C VAL A 132 -33.46 16.95 -12.68
N ARG A 133 -34.35 17.85 -12.24
CA ARG A 133 -34.05 19.27 -12.29
C ARG A 133 -32.88 19.59 -11.37
N ILE A 134 -32.83 18.97 -10.18
CA ILE A 134 -31.74 19.23 -9.26
C ILE A 134 -30.44 18.72 -9.84
N MET A 135 -30.49 17.52 -10.43
CA MET A 135 -29.30 16.92 -11.02
C MET A 135 -28.71 17.83 -12.08
N LYS A 136 -29.54 18.30 -13.01
CA LYS A 136 -29.05 19.13 -14.11
C LYS A 136 -28.62 20.50 -13.61
N ASP A 137 -29.36 21.06 -12.67
CA ASP A 137 -29.07 22.41 -12.23
C ASP A 137 -27.73 22.50 -11.52
N TYR A 138 -27.34 21.46 -10.79
CA TYR A 138 -26.10 21.50 -10.05
C TYR A 138 -24.97 20.74 -10.73
N GLY A 139 -25.25 20.01 -11.82
CA GLY A 139 -24.24 19.28 -12.56
C GLY A 139 -23.94 17.88 -12.05
N PHE A 140 -24.86 17.24 -11.34
CA PHE A 140 -24.65 15.89 -10.84
C PHE A 140 -24.82 14.88 -11.97
N ASP A 141 -24.28 13.69 -11.74
CA ASP A 141 -24.25 12.64 -12.75
C ASP A 141 -25.29 11.54 -12.50
N GLY A 142 -26.12 11.69 -11.47
CA GLY A 142 -27.10 10.67 -11.17
C GLY A 142 -27.73 10.90 -9.81
N VAL A 143 -28.76 10.09 -9.53
CA VAL A 143 -29.62 10.25 -8.36
C VAL A 143 -29.48 9.01 -7.50
N ASP A 144 -29.19 9.22 -6.22
CA ASP A 144 -29.12 8.14 -5.24
C ASP A 144 -30.10 8.45 -4.11
N ILE A 145 -30.92 7.48 -3.74
CA ILE A 145 -32.00 7.71 -2.78
C ILE A 145 -31.76 6.83 -1.57
N ASP A 146 -31.53 7.46 -0.41
CA ASP A 146 -31.30 6.76 0.84
C ASP A 146 -32.47 7.04 1.78
N TRP A 147 -33.62 6.44 1.46
CA TRP A 147 -34.75 6.42 2.37
C TRP A 147 -34.58 5.21 3.27
N GLU A 148 -34.49 5.46 4.58
CA GLU A 148 -34.15 4.43 5.56
C GLU A 148 -35.26 4.35 6.60
N TYR A 149 -36.32 3.60 6.31
CA TYR A 149 -36.52 2.84 5.10
C TYR A 149 -38.02 2.86 4.87
N PRO A 150 -38.45 2.77 3.62
CA PRO A 150 -39.90 2.63 3.36
C PRO A 150 -40.45 1.37 4.00
N GLN A 151 -41.67 1.47 4.50
CA GLN A 151 -42.39 0.36 5.10
C GLN A 151 -43.25 -0.33 4.06
N ALA A 152 -43.76 -1.51 4.42
CA ALA A 152 -44.40 -2.41 3.46
C ALA A 152 -45.44 -1.68 2.60
N ALA A 153 -46.37 -0.95 3.26
CA ALA A 153 -47.46 -0.29 2.55
C ALA A 153 -46.96 0.80 1.62
N GLU A 154 -45.76 1.33 1.86
CA GLU A 154 -45.19 2.41 1.06
C GLU A 154 -44.37 1.90 -0.12
N VAL A 155 -44.16 0.60 -0.24
CA VAL A 155 -43.12 0.09 -1.11
C VAL A 155 -43.51 0.24 -2.59
N ASP A 156 -44.76 -0.10 -2.93
CA ASP A 156 -45.22 0.04 -4.30
C ASP A 156 -45.11 1.48 -4.79
N GLY A 157 -45.38 2.46 -3.92
CA GLY A 157 -45.21 3.85 -4.32
C GLY A 157 -43.76 4.25 -4.52
N PHE A 158 -42.89 3.81 -3.62
CA PHE A 158 -41.45 3.94 -3.77
C PHE A 158 -40.97 3.41 -5.12
N ILE A 159 -41.41 2.20 -5.49
CA ILE A 159 -40.97 1.57 -6.73
C ILE A 159 -41.42 2.38 -7.93
N ALA A 160 -42.69 2.78 -7.93
CA ALA A 160 -43.22 3.58 -9.04
C ALA A 160 -42.42 4.86 -9.20
N ALA A 161 -42.04 5.48 -8.08
CA ALA A 161 -41.22 6.68 -8.13
C ALA A 161 -39.84 6.36 -8.71
N LEU A 162 -39.21 5.28 -8.24
CA LEU A 162 -37.93 4.87 -8.82
C LEU A 162 -38.07 4.63 -10.31
N GLN A 163 -39.17 3.97 -10.72
CA GLN A 163 -39.43 3.77 -12.15
C GLN A 163 -39.55 5.10 -12.87
N GLU A 164 -40.30 6.02 -12.29
CA GLU A 164 -40.50 7.34 -12.91
C GLU A 164 -39.19 8.09 -13.04
N ILE A 165 -38.32 8.03 -12.02
CA ILE A 165 -37.00 8.65 -12.14
C ILE A 165 -36.21 7.98 -13.27
N ARG A 166 -36.27 6.65 -13.35
CA ARG A 166 -35.55 5.93 -14.39
C ARG A 166 -35.99 6.40 -15.78
N THR A 167 -37.30 6.60 -15.99
CA THR A 167 -37.80 7.11 -17.27
C THR A 167 -37.20 8.47 -17.59
N LEU A 168 -37.25 9.41 -16.63
CA LEU A 168 -36.75 10.75 -16.90
C LEU A 168 -35.25 10.76 -17.10
N LEU A 169 -34.51 9.97 -16.32
CA LEU A 169 -33.06 9.97 -16.43
C LEU A 169 -32.62 9.40 -17.77
N ASN A 170 -33.29 8.35 -18.25
CA ASN A 170 -32.92 7.76 -19.53
C ASN A 170 -33.21 8.72 -20.67
N GLN A 171 -34.36 9.40 -20.60
CA GLN A 171 -34.61 10.47 -21.56
C GLN A 171 -33.54 11.55 -21.46
N GLN A 172 -33.19 11.96 -20.23
CA GLN A 172 -32.22 13.04 -20.06
C GLN A 172 -30.84 12.66 -20.62
N THR A 173 -30.46 11.38 -20.52
CA THR A 173 -29.22 10.90 -21.11
C THR A 173 -29.17 11.15 -22.62
N ILE A 174 -30.25 10.80 -23.31
CA ILE A 174 -30.31 11.01 -24.76
C ILE A 174 -30.33 12.50 -25.10
N THR A 175 -31.15 13.27 -24.38
CA THR A 175 -31.24 14.71 -24.60
C THR A 175 -29.89 15.40 -24.38
N ASP A 176 -29.01 14.80 -23.56
CA ASP A 176 -27.76 15.44 -23.20
C ASP A 176 -26.56 14.81 -23.89
N GLY A 177 -26.75 13.85 -24.78
CA GLY A 177 -25.62 13.21 -25.46
C GLY A 177 -24.74 12.37 -24.56
N ARG A 178 -25.29 11.78 -23.50
CA ARG A 178 -24.51 11.11 -22.49
C ARG A 178 -24.52 9.59 -22.62
N GLN A 179 -24.62 9.09 -23.85
CA GLN A 179 -24.59 7.65 -24.08
C GLN A 179 -23.33 7.01 -23.51
N ALA A 180 -22.19 7.70 -23.55
CA ALA A 180 -20.95 7.10 -23.06
C ALA A 180 -20.85 7.14 -21.53
N LEU A 181 -21.65 7.97 -20.85
CA LEU A 181 -21.69 7.99 -19.38
C LEU A 181 -23.11 8.29 -18.94
N PRO A 182 -24.02 7.31 -19.08
CA PRO A 182 -25.44 7.57 -18.81
C PRO A 182 -25.68 7.99 -17.37
N TYR A 183 -26.71 8.83 -17.19
CA TYR A 183 -27.19 9.17 -15.85
C TYR A 183 -27.63 7.90 -15.13
N GLN A 184 -27.38 7.86 -13.82
CA GLN A 184 -27.63 6.63 -13.07
C GLN A 184 -28.54 6.88 -11.88
N LEU A 185 -29.13 5.78 -11.42
CA LEU A 185 -30.07 5.76 -10.32
C LEU A 185 -29.64 4.66 -9.37
N THR A 186 -29.39 5.02 -8.12
CA THR A 186 -29.07 4.04 -7.10
C THR A 186 -29.88 4.31 -5.84
N ILE A 187 -29.92 3.33 -4.95
CA ILE A 187 -30.39 3.52 -3.60
C ILE A 187 -29.40 2.87 -2.66
N ALA A 188 -29.44 3.33 -1.41
CA ALA A 188 -28.78 2.64 -0.31
C ALA A 188 -29.84 1.74 0.33
N GLY A 189 -29.56 0.44 0.37
CA GLY A 189 -30.51 -0.51 0.92
C GLY A 189 -30.03 -1.04 2.26
N ALA A 190 -30.95 -1.59 3.04
CA ALA A 190 -30.57 -2.16 4.33
C ALA A 190 -29.58 -3.29 4.13
N GLY A 191 -28.61 -3.38 5.04
CA GLY A 191 -27.65 -4.46 5.11
C GLY A 191 -27.96 -5.46 6.20
N GLY A 192 -29.09 -5.30 6.90
CA GLY A 192 -29.48 -6.22 7.95
C GLY A 192 -30.93 -6.61 7.84
N ALA A 193 -31.22 -7.85 8.29
CA ALA A 193 -32.53 -8.46 8.00
C ALA A 193 -33.69 -7.65 8.57
N PHE A 194 -33.54 -7.06 9.75
CA PHE A 194 -34.67 -6.42 10.41
C PHE A 194 -35.27 -5.34 9.53
N PHE A 195 -34.48 -4.34 9.18
CA PHE A 195 -34.94 -3.29 8.27
C PHE A 195 -35.27 -3.85 6.89
N LEU A 196 -34.44 -4.78 6.41
CA LEU A 196 -34.66 -5.35 5.09
C LEU A 196 -36.04 -5.97 4.98
N SER A 197 -36.55 -6.54 6.08
CA SER A 197 -37.85 -7.20 6.00
C SER A 197 -38.98 -6.25 5.63
N ARG A 198 -38.75 -4.94 5.66
CA ARG A 198 -39.81 -3.99 5.27
C ARG A 198 -40.19 -4.12 3.80
N TYR A 199 -39.20 -4.38 2.94
CA TYR A 199 -39.42 -4.33 1.49
C TYR A 199 -38.85 -5.55 0.79
N TYR A 200 -38.35 -6.52 1.56
CA TYR A 200 -37.62 -7.65 0.98
C TYR A 200 -38.43 -8.35 -0.11
N SER A 201 -39.74 -8.48 0.09
CA SER A 201 -40.54 -9.27 -0.82
C SER A 201 -40.61 -8.63 -2.20
N LYS A 202 -40.39 -7.32 -2.29
CA LYS A 202 -40.42 -6.60 -3.54
C LYS A 202 -39.03 -6.18 -4.01
N LEU A 203 -37.99 -6.89 -3.58
CA LEU A 203 -36.65 -6.54 -4.01
C LEU A 203 -36.52 -6.50 -5.53
N ALA A 204 -37.13 -7.48 -6.23
CA ALA A 204 -36.98 -7.52 -7.69
C ALA A 204 -37.43 -6.20 -8.33
N GLN A 205 -38.63 -5.73 -8.01
CA GLN A 205 -39.13 -4.52 -8.66
C GLN A 205 -38.46 -3.27 -8.10
N ILE A 206 -37.89 -3.35 -6.90
CA ILE A 206 -37.12 -2.22 -6.40
C ILE A 206 -35.82 -2.07 -7.18
N VAL A 207 -35.10 -3.17 -7.41
CA VAL A 207 -33.80 -3.02 -8.05
C VAL A 207 -33.90 -2.87 -9.57
N ALA A 208 -35.00 -3.32 -10.19
CA ALA A 208 -35.11 -3.27 -11.65
C ALA A 208 -34.79 -1.91 -12.27
N PRO A 209 -35.30 -0.78 -11.79
CA PRO A 209 -34.88 0.51 -12.35
C PRO A 209 -33.54 1.03 -11.84
N LEU A 210 -32.77 0.26 -11.07
CA LEU A 210 -31.54 0.75 -10.50
C LEU A 210 -30.33 0.23 -11.27
N ASP A 211 -29.29 1.07 -11.33
CA ASP A 211 -27.99 0.54 -11.71
C ASP A 211 -27.38 -0.29 -10.57
N TYR A 212 -27.55 0.18 -9.34
CA TYR A 212 -26.96 -0.52 -8.20
C TYR A 212 -27.88 -0.35 -7.00
N ILE A 213 -27.91 -1.38 -6.15
CA ILE A 213 -28.39 -1.24 -4.79
C ILE A 213 -27.17 -1.36 -3.88
N ASN A 214 -26.91 -0.33 -3.10
CA ASN A 214 -25.72 -0.26 -2.27
C ASN A 214 -26.09 -0.74 -0.87
N LEU A 215 -25.69 -1.97 -0.54
CA LEU A 215 -26.09 -2.58 0.71
C LEU A 215 -25.34 -1.94 1.88
N MET A 216 -26.08 -1.48 2.88
CA MET A 216 -25.41 -0.86 4.03
C MET A 216 -25.01 -1.94 5.03
N THR A 217 -24.10 -2.80 4.57
CA THR A 217 -23.60 -3.92 5.35
C THR A 217 -22.52 -3.42 6.33
N TYR A 218 -22.94 -2.53 7.21
CA TYR A 218 -22.19 -2.12 8.37
C TYR A 218 -23.23 -1.69 9.41
N ASP A 219 -22.77 -1.22 10.57
CA ASP A 219 -23.67 -0.95 11.70
C ASP A 219 -24.46 -2.17 12.11
N LEU A 220 -23.97 -3.37 11.77
CA LEU A 220 -24.61 -4.60 12.18
C LEU A 220 -24.29 -4.97 13.61
N ALA A 221 -23.41 -4.21 14.26
CA ALA A 221 -23.22 -4.18 15.70
C ALA A 221 -23.20 -2.71 16.13
N GLY A 222 -23.34 -2.47 17.43
CA GLY A 222 -23.41 -1.13 17.96
C GLY A 222 -23.85 -1.10 19.41
N PRO A 223 -23.69 0.05 20.08
CA PRO A 223 -23.98 0.11 21.52
C PRO A 223 -25.45 -0.05 21.86
N TRP A 224 -26.37 0.02 20.89
CA TRP A 224 -27.76 -0.31 21.16
C TRP A 224 -27.98 -1.80 21.35
N GLU A 225 -26.96 -2.63 21.20
CA GLU A 225 -27.05 -4.07 21.39
C GLU A 225 -26.30 -4.48 22.65
N LYS A 226 -26.81 -5.49 23.34
CA LYS A 226 -26.33 -5.75 24.69
C LYS A 226 -24.96 -6.41 24.71
N VAL A 227 -24.51 -6.98 23.59
CA VAL A 227 -23.23 -7.67 23.54
C VAL A 227 -22.39 -7.05 22.43
N THR A 228 -21.14 -6.75 22.75
CA THR A 228 -20.23 -6.23 21.75
C THR A 228 -20.07 -7.23 20.59
N ASN A 229 -19.94 -6.69 19.38
CA ASN A 229 -19.85 -7.54 18.21
C ASN A 229 -19.20 -6.74 17.07
N HIS A 230 -18.82 -7.47 16.02
CA HIS A 230 -18.26 -6.88 14.81
C HIS A 230 -19.36 -6.25 14.02
N GLN A 231 -19.17 -4.99 13.61
CA GLN A 231 -20.21 -4.28 12.87
C GLN A 231 -20.28 -4.69 11.41
N ALA A 232 -19.28 -5.41 10.90
CA ALA A 232 -19.28 -5.73 9.47
C ALA A 232 -18.52 -7.03 9.23
N ALA A 233 -18.80 -8.03 10.06
CA ALA A 233 -18.25 -9.38 9.87
C ALA A 233 -18.56 -9.91 8.47
N LEU A 234 -17.55 -10.41 7.78
CA LEU A 234 -17.81 -11.03 6.49
C LEU A 234 -18.62 -12.32 6.67
N PHE A 235 -18.14 -13.23 7.52
CA PHE A 235 -18.80 -14.48 7.82
C PHE A 235 -19.02 -14.57 9.31
N GLY A 236 -19.87 -15.52 9.71
CA GLY A 236 -20.26 -15.62 11.10
C GLY A 236 -19.23 -16.36 11.95
N ASP A 237 -19.30 -16.07 13.24
CA ASP A 237 -18.51 -16.73 14.27
C ASP A 237 -19.46 -17.42 15.23
N ALA A 238 -19.37 -18.75 15.31
CA ALA A 238 -20.28 -19.53 16.16
C ALA A 238 -20.28 -19.05 17.61
N ALA A 239 -19.17 -18.46 18.06
CA ALA A 239 -19.06 -17.93 19.40
C ALA A 239 -19.73 -16.58 19.56
N GLY A 240 -20.12 -15.94 18.47
CA GLY A 240 -20.72 -14.63 18.55
C GLY A 240 -22.23 -14.71 18.73
N PRO A 241 -22.84 -13.57 19.03
CA PRO A 241 -24.30 -13.51 19.13
C PRO A 241 -24.98 -13.87 17.82
N THR A 242 -26.25 -14.27 17.94
CA THR A 242 -27.07 -14.59 16.80
C THR A 242 -28.39 -13.84 16.92
N PHE A 243 -29.06 -13.72 15.78
CA PHE A 243 -30.21 -12.84 15.71
C PHE A 243 -31.41 -13.57 15.12
N TYR A 244 -32.58 -13.15 15.58
CA TYR A 244 -33.84 -13.49 14.95
C TYR A 244 -33.79 -13.12 13.46
N ASN A 245 -34.23 -14.05 12.60
CA ASN A 245 -34.21 -13.81 11.16
C ASN A 245 -35.54 -13.18 10.74
N ALA A 246 -35.57 -11.84 10.70
CA ALA A 246 -36.81 -11.11 10.45
C ALA A 246 -37.37 -11.37 9.05
N LEU A 247 -36.53 -11.82 8.13
CA LEU A 247 -37.02 -12.08 6.77
C LEU A 247 -38.06 -13.18 6.75
N ARG A 248 -38.10 -14.03 7.78
CA ARG A 248 -39.15 -15.03 7.77
C ARG A 248 -40.50 -14.42 8.05
N GLU A 249 -40.56 -13.17 8.50
CA GLU A 249 -41.83 -12.48 8.64
C GLU A 249 -42.12 -11.52 7.48
N ALA A 250 -41.25 -11.45 6.48
CA ALA A 250 -41.51 -10.57 5.35
C ALA A 250 -42.75 -11.02 4.59
N ASN A 251 -43.33 -10.10 3.81
CA ASN A 251 -44.62 -10.34 3.17
C ASN A 251 -44.45 -11.16 1.89
N LEU A 252 -43.96 -12.37 2.08
CA LEU A 252 -43.52 -13.17 0.95
C LEU A 252 -44.61 -14.09 0.42
N GLY A 253 -45.51 -14.57 1.27
CA GLY A 253 -46.51 -15.51 0.83
C GLY A 253 -45.99 -16.88 0.51
N TRP A 254 -44.80 -17.23 1.00
CA TRP A 254 -44.25 -18.56 0.81
C TRP A 254 -44.79 -19.52 1.86
N SER A 255 -44.54 -20.82 1.63
CA SER A 255 -44.99 -21.84 2.57
C SER A 255 -44.06 -21.91 3.77
N TRP A 256 -44.49 -22.68 4.78
CA TRP A 256 -43.66 -22.84 5.98
C TRP A 256 -42.32 -23.45 5.63
N GLU A 257 -42.32 -24.50 4.79
CA GLU A 257 -41.05 -25.12 4.40
C GLU A 257 -40.19 -24.14 3.63
N GLU A 258 -40.81 -23.32 2.78
CA GLU A 258 -40.04 -22.38 1.97
C GLU A 258 -39.45 -21.29 2.84
N LEU A 259 -40.24 -20.77 3.77
CA LEU A 259 -39.71 -19.81 4.72
C LEU A 259 -38.60 -20.42 5.56
N THR A 260 -38.76 -21.68 5.98
CA THR A 260 -37.82 -22.27 6.90
C THR A 260 -36.44 -22.48 6.26
N ARG A 261 -36.41 -23.04 5.04
CA ARG A 261 -35.12 -23.33 4.45
C ARG A 261 -34.42 -22.07 3.96
N ALA A 262 -35.17 -21.02 3.64
CA ALA A 262 -34.61 -19.77 3.18
C ALA A 262 -34.08 -18.93 4.33
N PHE A 263 -34.74 -18.98 5.49
CA PHE A 263 -34.48 -18.05 6.59
C PHE A 263 -34.19 -18.82 7.88
N PRO A 264 -33.03 -19.48 7.98
CA PRO A 264 -32.67 -20.11 9.25
C PRO A 264 -32.66 -19.09 10.37
N SER A 265 -33.14 -19.50 11.54
CA SER A 265 -33.20 -18.55 12.61
C SER A 265 -33.03 -19.29 13.92
N PRO A 266 -32.22 -18.76 14.85
CA PRO A 266 -31.43 -17.53 14.62
C PRO A 266 -30.22 -17.73 13.70
N PHE A 267 -29.62 -16.63 13.24
CA PHE A 267 -28.54 -16.66 12.24
C PHE A 267 -27.51 -15.59 12.56
N SER A 268 -26.39 -15.65 11.85
CA SER A 268 -25.27 -14.73 12.08
C SER A 268 -25.45 -13.48 11.22
N LEU A 269 -25.63 -12.34 11.86
CA LEU A 269 -25.84 -11.09 11.14
C LEU A 269 -24.52 -10.67 10.49
N THR A 270 -24.34 -11.01 9.22
CA THR A 270 -23.06 -10.81 8.54
C THR A 270 -23.27 -10.16 7.17
N VAL A 271 -22.16 -9.67 6.60
CA VAL A 271 -22.21 -9.12 5.26
C VAL A 271 -22.59 -10.20 4.25
N ASP A 272 -22.04 -11.40 4.43
CA ASP A 272 -22.41 -12.53 3.59
C ASP A 272 -23.91 -12.83 3.70
N ALA A 273 -24.45 -12.82 4.92
CA ALA A 273 -25.89 -13.03 5.09
C ALA A 273 -26.69 -12.06 4.23
N ALA A 274 -26.36 -10.77 4.33
CA ALA A 274 -27.12 -9.78 3.57
C ALA A 274 -27.01 -10.04 2.07
N VAL A 275 -25.80 -10.38 1.58
CA VAL A 275 -25.64 -10.57 0.15
C VAL A 275 -26.42 -11.80 -0.31
N GLN A 276 -26.22 -12.94 0.36
CA GLN A 276 -26.98 -14.13 0.01
C GLN A 276 -28.47 -13.88 0.11
N GLN A 277 -28.90 -13.06 1.07
CA GLN A 277 -30.33 -12.81 1.24
C GLN A 277 -30.90 -12.08 0.03
N HIS A 278 -30.13 -11.14 -0.53
CA HIS A 278 -30.54 -10.51 -1.78
C HIS A 278 -30.53 -11.50 -2.94
N LEU A 279 -29.52 -12.37 -3.01
CA LEU A 279 -29.44 -13.30 -4.14
C LEU A 279 -30.46 -14.42 -4.03
N MET A 280 -31.06 -14.63 -2.86
CA MET A 280 -32.09 -15.65 -2.74
C MET A 280 -33.35 -15.29 -3.51
N MET A 281 -33.56 -14.00 -3.80
CA MET A 281 -34.78 -13.56 -4.45
C MET A 281 -34.60 -13.61 -5.95
N GLU A 282 -35.60 -14.16 -6.63
CA GLU A 282 -35.63 -14.15 -8.09
C GLU A 282 -35.57 -12.75 -8.65
N GLY A 283 -34.90 -12.59 -9.78
CA GLY A 283 -34.86 -11.33 -10.49
C GLY A 283 -33.96 -10.30 -9.87
N VAL A 284 -33.08 -10.68 -8.94
CA VAL A 284 -32.14 -9.74 -8.34
C VAL A 284 -30.75 -10.10 -8.86
N PRO A 285 -30.23 -9.39 -9.85
CA PRO A 285 -28.95 -9.80 -10.46
C PRO A 285 -27.78 -9.40 -9.58
N SER A 286 -26.81 -10.30 -9.46
CA SER A 286 -25.67 -10.06 -8.60
C SER A 286 -24.91 -8.81 -9.03
N ALA A 287 -24.87 -8.52 -10.33
CA ALA A 287 -24.08 -7.40 -10.80
C ALA A 287 -24.67 -6.04 -10.40
N LYS A 288 -25.89 -6.00 -9.87
CA LYS A 288 -26.42 -4.76 -9.33
C LYS A 288 -26.19 -4.63 -7.82
N ILE A 289 -25.71 -5.69 -7.17
CA ILE A 289 -25.52 -5.68 -5.73
C ILE A 289 -24.13 -5.11 -5.41
N VAL A 290 -24.10 -4.06 -4.60
CA VAL A 290 -22.86 -3.43 -4.18
C VAL A 290 -22.71 -3.61 -2.67
N MET A 291 -21.51 -4.01 -2.25
CA MET A 291 -21.22 -4.25 -0.82
C MET A 291 -20.72 -2.97 -0.16
N GLY A 292 -21.51 -2.44 0.77
CA GLY A 292 -21.04 -1.34 1.59
C GLY A 292 -19.99 -1.80 2.58
N VAL A 293 -19.03 -0.93 2.84
CA VAL A 293 -18.02 -1.15 3.88
C VAL A 293 -17.84 0.13 4.67
N PRO A 294 -17.45 0.01 5.94
CA PRO A 294 -17.32 1.21 6.78
C PRO A 294 -15.88 1.73 6.82
N PHE A 295 -15.67 3.05 6.68
CA PHE A 295 -14.36 3.65 6.89
C PHE A 295 -14.18 4.18 8.32
N TYR A 296 -15.04 3.75 9.24
CA TYR A 296 -15.01 4.17 10.63
C TYR A 296 -15.18 2.93 11.51
N GLY A 297 -14.91 3.10 12.79
CA GLY A 297 -15.10 2.01 13.73
C GLY A 297 -16.06 2.39 14.82
N ARG A 298 -16.63 1.39 15.49
CA ARG A 298 -17.56 1.60 16.59
C ARG A 298 -16.89 1.14 17.87
N ALA A 299 -16.91 2.01 18.88
CA ALA A 299 -16.21 1.76 20.14
C ALA A 299 -17.21 1.49 21.26
N PHE A 300 -16.83 0.58 22.16
CA PHE A 300 -17.59 0.22 23.33
C PHE A 300 -16.73 0.37 24.58
N LYS A 301 -17.37 0.69 25.71
CA LYS A 301 -16.71 0.75 27.01
C LYS A 301 -17.32 -0.27 27.97
N GLY A 302 -16.60 -0.55 29.05
CA GLY A 302 -17.08 -1.49 30.03
C GLY A 302 -17.04 -2.95 29.59
N VAL A 303 -16.07 -3.33 28.76
CA VAL A 303 -16.01 -4.67 28.20
C VAL A 303 -15.08 -5.52 29.06
N SER A 304 -15.30 -6.83 29.05
CA SER A 304 -14.50 -7.75 29.84
C SER A 304 -13.54 -8.51 28.94
N GLY A 305 -12.46 -8.99 29.56
CA GLY A 305 -11.49 -9.79 28.84
C GLY A 305 -11.92 -11.23 28.73
N GLY A 306 -11.04 -12.02 28.13
CA GLY A 306 -11.33 -13.40 27.82
C GLY A 306 -11.44 -13.67 26.35
N ASN A 307 -11.77 -12.65 25.56
CA ASN A 307 -11.72 -12.81 24.11
C ASN A 307 -11.50 -11.47 23.41
N GLY A 308 -10.58 -10.66 23.95
CA GLY A 308 -10.24 -9.40 23.31
C GLY A 308 -11.36 -8.38 23.25
N GLY A 309 -12.37 -8.47 24.12
CA GLY A 309 -13.49 -7.57 24.10
C GLY A 309 -14.67 -8.03 23.25
N GLN A 310 -14.53 -9.13 22.53
CA GLN A 310 -15.62 -9.63 21.69
C GLN A 310 -16.70 -10.28 22.52
N TYR A 311 -17.95 -10.02 22.15
CA TYR A 311 -19.11 -10.73 22.68
C TYR A 311 -19.18 -10.56 24.19
N SER A 312 -18.84 -9.37 24.65
CA SER A 312 -18.90 -9.02 26.06
C SER A 312 -20.06 -8.07 26.29
N SER A 313 -20.60 -8.11 27.51
CA SER A 313 -21.47 -7.03 27.92
C SER A 313 -20.65 -5.76 28.08
N HIS A 314 -21.35 -4.63 28.17
CA HIS A 314 -20.69 -3.34 28.08
C HIS A 314 -21.59 -2.30 28.71
N SER A 315 -21.04 -1.10 28.89
CA SER A 315 -21.72 0.00 29.55
C SER A 315 -21.80 1.23 28.67
N THR A 316 -21.91 1.02 27.34
CA THR A 316 -21.90 2.13 26.38
C THR A 316 -23.32 2.66 26.18
N PRO A 317 -23.55 3.96 26.32
CA PRO A 317 -24.87 4.50 26.02
C PRO A 317 -25.18 4.40 24.54
N GLY A 318 -26.44 4.21 24.23
CA GLY A 318 -26.82 3.88 22.87
C GLY A 318 -27.66 4.94 22.21
N GLU A 319 -28.13 5.91 22.98
CA GLU A 319 -28.99 6.91 22.36
C GLU A 319 -28.16 7.91 21.58
N ASP A 320 -28.83 8.60 20.66
CA ASP A 320 -28.15 9.62 19.90
C ASP A 320 -28.93 10.91 20.06
N PRO A 321 -28.28 12.06 20.31
CA PRO A 321 -26.84 12.29 20.49
C PRO A 321 -26.23 11.54 21.65
N TYR A 322 -24.92 11.40 21.63
CA TYR A 322 -24.23 10.89 22.79
C TYR A 322 -24.64 11.70 24.01
N PRO A 323 -25.21 11.08 25.04
CA PRO A 323 -25.80 11.87 26.12
C PRO A 323 -24.88 12.07 27.32
N SER A 324 -23.61 12.40 27.10
CA SER A 324 -22.73 12.79 28.19
C SER A 324 -21.53 13.53 27.62
N THR A 325 -20.70 14.08 28.51
CA THR A 325 -19.45 14.72 28.12
C THR A 325 -18.25 13.90 28.54
N ASP A 326 -18.46 12.65 28.90
CA ASP A 326 -17.38 11.73 29.21
C ASP A 326 -16.86 11.14 27.90
N TYR A 327 -15.66 11.54 27.49
CA TYR A 327 -15.04 11.04 26.27
C TYR A 327 -13.99 10.02 26.66
N TRP A 328 -14.35 8.74 26.61
CA TRP A 328 -13.52 7.69 27.18
C TRP A 328 -12.73 6.93 26.14
N LEU A 329 -12.94 7.18 24.84
CA LEU A 329 -12.12 6.53 23.82
C LEU A 329 -10.76 7.20 23.83
N VAL A 330 -9.81 6.63 24.56
CA VAL A 330 -8.55 7.32 24.79
C VAL A 330 -7.79 7.45 23.47
N GLY A 331 -7.05 8.55 23.35
CA GLY A 331 -6.37 8.88 22.12
C GLY A 331 -7.26 9.38 21.00
N CYS A 332 -8.58 9.39 21.17
CA CYS A 332 -9.49 9.75 20.08
C CYS A 332 -9.71 11.25 20.09
N GLU A 333 -8.85 11.97 19.38
CA GLU A 333 -8.98 13.42 19.33
C GLU A 333 -10.32 13.82 18.72
N GLU A 334 -10.62 13.28 17.54
CA GLU A 334 -11.83 13.74 16.87
C GLU A 334 -13.10 13.30 17.58
N CYS A 335 -13.02 12.31 18.48
CA CYS A 335 -14.17 12.04 19.34
C CYS A 335 -14.51 13.27 20.16
N VAL A 336 -13.50 13.92 20.73
CA VAL A 336 -13.73 15.14 21.50
C VAL A 336 -14.29 16.23 20.60
N ARG A 337 -13.65 16.45 19.44
CA ARG A 337 -14.16 17.44 18.49
C ARG A 337 -15.62 17.20 18.19
N ASP A 338 -16.00 15.95 17.99
CA ASP A 338 -17.37 15.61 17.60
C ASP A 338 -18.23 15.17 18.79
N LYS A 339 -17.69 15.19 20.00
CA LYS A 339 -18.45 14.92 21.22
C LYS A 339 -19.16 13.58 21.14
N ASP A 340 -18.39 12.54 20.81
CA ASP A 340 -18.91 11.18 20.76
C ASP A 340 -17.73 10.21 20.73
N PRO A 341 -17.51 9.48 21.83
CA PRO A 341 -16.44 8.47 21.85
C PRO A 341 -16.85 7.11 21.28
N ARG A 342 -18.02 7.02 20.67
CA ARG A 342 -18.52 5.75 20.15
C ARG A 342 -18.20 5.53 18.67
N ILE A 343 -17.60 6.52 17.99
CA ILE A 343 -17.31 6.42 16.56
C ILE A 343 -15.94 7.07 16.33
N ALA A 344 -15.06 6.36 15.61
CA ALA A 344 -13.75 6.89 15.24
C ALA A 344 -13.51 6.54 13.78
N SER A 345 -13.11 7.55 12.99
CA SER A 345 -12.69 7.27 11.64
C SER A 345 -11.53 6.28 11.64
N TYR A 346 -11.36 5.56 10.53
CA TYR A 346 -10.16 4.76 10.39
C TYR A 346 -8.92 5.61 10.58
N ARG A 347 -8.93 6.83 10.04
CA ARG A 347 -7.80 7.73 10.21
C ARG A 347 -7.44 7.90 11.68
N GLN A 348 -8.42 8.29 12.50
CA GLN A 348 -8.18 8.45 13.94
C GLN A 348 -7.74 7.13 14.58
N LEU A 349 -8.40 6.03 14.20
CA LEU A 349 -8.07 4.74 14.79
C LEU A 349 -6.64 4.34 14.50
N GLU A 350 -6.18 4.60 13.29
CA GLU A 350 -4.79 4.31 12.95
C GLU A 350 -3.84 5.12 13.81
N GLN A 351 -4.13 6.40 14.02
CA GLN A 351 -3.24 7.19 14.85
C GLN A 351 -3.25 6.69 16.29
N MET A 352 -4.41 6.26 16.77
CA MET A 352 -4.45 5.64 18.09
C MET A 352 -3.54 4.41 18.16
N LEU A 353 -3.50 3.63 17.08
CA LEU A 353 -2.64 2.44 17.08
C LEU A 353 -1.17 2.82 17.02
N GLN A 354 -0.85 3.93 16.36
CA GLN A 354 0.51 4.44 16.28
C GLN A 354 0.95 5.16 17.55
N GLY A 355 0.01 5.64 18.35
CA GLY A 355 0.31 6.59 19.38
C GLY A 355 0.68 6.06 20.74
N ASN A 356 0.78 4.74 20.91
CA ASN A 356 1.03 4.16 22.23
C ASN A 356 -0.04 4.64 23.22
N TYR A 357 -1.22 4.05 23.12
CA TYR A 357 -2.35 4.38 23.98
C TYR A 357 -2.90 3.16 24.69
N GLY A 358 -2.25 2.00 24.55
CA GLY A 358 -2.72 0.80 25.19
C GLY A 358 -3.67 -0.07 24.37
N TYR A 359 -3.80 0.20 23.07
CA TYR A 359 -4.66 -0.61 22.22
C TYR A 359 -3.87 -1.74 21.60
N GLN A 360 -4.46 -2.92 21.58
CA GLN A 360 -3.95 -4.06 20.82
C GLN A 360 -4.86 -4.26 19.62
N ARG A 361 -4.27 -4.32 18.43
CA ARG A 361 -5.01 -4.75 17.25
C ARG A 361 -5.07 -6.27 17.19
N LEU A 362 -6.28 -6.80 17.09
CA LEU A 362 -6.53 -8.24 17.06
C LEU A 362 -7.30 -8.60 15.80
N TRP A 363 -7.35 -9.90 15.51
CA TRP A 363 -7.93 -10.37 14.26
C TRP A 363 -8.81 -11.58 14.54
N ASN A 364 -10.00 -11.60 13.96
CA ASN A 364 -10.90 -12.74 14.04
C ASN A 364 -10.89 -13.41 12.68
N ASP A 365 -10.29 -14.60 12.60
CA ASP A 365 -10.08 -15.25 11.32
C ASP A 365 -11.33 -15.96 10.80
N LYS A 366 -12.42 -16.00 11.59
CA LYS A 366 -13.71 -16.46 11.11
C LYS A 366 -14.49 -15.33 10.42
N THR A 367 -14.62 -14.19 11.08
CA THR A 367 -15.29 -13.02 10.50
C THR A 367 -14.43 -12.28 9.50
N LYS A 368 -13.10 -12.49 9.56
CA LYS A 368 -12.14 -11.83 8.66
C LYS A 368 -12.17 -10.33 8.85
N THR A 369 -12.19 -9.89 10.11
CA THR A 369 -12.23 -8.47 10.43
C THR A 369 -11.34 -8.21 11.63
N PRO A 370 -10.74 -7.02 11.71
CA PRO A 370 -9.94 -6.65 12.89
C PRO A 370 -10.80 -6.04 13.98
N TYR A 371 -10.20 -5.95 15.16
CA TYR A 371 -10.81 -5.23 16.27
C TYR A 371 -9.70 -4.77 17.20
N LEU A 372 -9.99 -3.73 17.96
CA LEU A 372 -9.04 -3.25 18.95
C LEU A 372 -9.54 -3.68 20.32
N TYR A 373 -8.61 -4.10 21.18
CA TYR A 373 -8.88 -4.37 22.59
C TYR A 373 -7.96 -3.50 23.42
N HIS A 374 -8.55 -2.76 24.36
CA HIS A 374 -7.85 -1.94 25.32
C HIS A 374 -8.04 -2.60 26.68
N ALA A 375 -7.02 -3.35 27.12
CA ALA A 375 -7.16 -4.15 28.33
C ALA A 375 -7.31 -3.26 29.56
N GLN A 376 -6.46 -2.24 29.70
CA GLN A 376 -6.48 -1.38 30.88
C GLN A 376 -7.87 -0.84 31.12
N ASN A 377 -8.44 -0.18 30.12
CA ASN A 377 -9.67 0.57 30.29
C ASN A 377 -10.92 -0.19 29.87
N GLY A 378 -10.78 -1.44 29.41
CA GLY A 378 -11.94 -2.23 29.03
C GLY A 378 -12.66 -1.68 27.82
N LEU A 379 -11.93 -1.48 26.72
CA LEU A 379 -12.49 -0.90 25.52
C LEU A 379 -12.46 -1.91 24.38
N PHE A 380 -13.46 -1.82 23.50
CA PHE A 380 -13.55 -2.65 22.31
C PHE A 380 -13.97 -1.78 21.13
N VAL A 381 -13.27 -1.93 20.01
CA VAL A 381 -13.55 -1.22 18.78
C VAL A 381 -13.70 -2.25 17.66
N THR A 382 -14.84 -2.22 16.96
CA THR A 382 -15.00 -2.98 15.74
C THR A 382 -14.84 -2.03 14.57
N TYR A 383 -14.06 -2.44 13.58
CA TYR A 383 -13.77 -1.62 12.41
C TYR A 383 -13.27 -2.52 11.29
N ASP A 384 -12.92 -1.89 10.17
CA ASP A 384 -12.43 -2.57 8.97
C ASP A 384 -11.13 -1.94 8.51
N ASP A 385 -10.32 -2.71 7.78
CA ASP A 385 -9.05 -2.14 7.32
C ASP A 385 -8.67 -2.82 6.00
N ALA A 386 -7.47 -2.51 5.52
CA ALA A 386 -7.03 -3.02 4.22
C ALA A 386 -6.94 -4.54 4.22
N GLU A 387 -6.79 -5.14 5.40
CA GLU A 387 -6.76 -6.60 5.52
C GLU A 387 -8.16 -7.21 5.37
N SER A 388 -9.13 -6.76 6.18
CA SER A 388 -10.48 -7.26 6.01
C SER A 388 -11.00 -6.95 4.61
N PHE A 389 -10.52 -5.87 4.00
CA PHE A 389 -10.98 -5.56 2.65
C PHE A 389 -10.49 -6.57 1.61
N LYS A 390 -9.45 -7.34 1.91
CA LYS A 390 -9.00 -8.38 0.97
C LYS A 390 -10.04 -9.48 0.84
N TYR A 391 -10.53 -9.97 1.97
CA TYR A 391 -11.53 -11.02 1.94
C TYR A 391 -12.83 -10.51 1.31
N LYS A 392 -13.19 -9.26 1.60
CA LYS A 392 -14.43 -8.73 1.06
C LYS A 392 -14.33 -8.45 -0.44
N ALA A 393 -13.19 -7.92 -0.90
CA ALA A 393 -13.01 -7.73 -2.34
C ALA A 393 -13.02 -9.08 -3.06
N LYS A 394 -12.39 -10.10 -2.48
CA LYS A 394 -12.44 -11.42 -3.08
C LYS A 394 -13.86 -11.98 -3.10
N TYR A 395 -14.63 -11.71 -2.05
CA TYR A 395 -16.03 -12.09 -2.03
C TYR A 395 -16.82 -11.39 -3.13
N ILE A 396 -16.58 -10.09 -3.30
CA ILE A 396 -17.21 -9.33 -4.36
C ILE A 396 -16.90 -9.92 -5.74
N LYS A 397 -15.65 -10.36 -5.96
CA LYS A 397 -15.30 -10.97 -7.23
C LYS A 397 -15.92 -12.35 -7.38
N GLN A 398 -15.83 -13.17 -6.33
CA GLN A 398 -16.33 -14.55 -6.40
C GLN A 398 -17.85 -14.60 -6.50
N GLN A 399 -18.54 -13.68 -5.84
CA GLN A 399 -19.99 -13.60 -5.91
C GLN A 399 -20.48 -12.76 -7.08
N GLN A 400 -19.56 -12.21 -7.89
CA GLN A 400 -19.94 -11.46 -9.07
C GLN A 400 -20.86 -10.31 -8.72
N LEU A 401 -20.52 -9.60 -7.64
CA LEU A 401 -21.28 -8.44 -7.28
C LEU A 401 -20.79 -7.24 -8.10
N GLY A 402 -21.53 -6.14 -7.99
CA GLY A 402 -21.24 -4.97 -8.80
C GLY A 402 -20.03 -4.17 -8.36
N GLY A 403 -19.59 -4.32 -7.12
CA GLY A 403 -18.50 -3.48 -6.63
C GLY A 403 -18.69 -3.18 -5.15
N VAL A 404 -18.16 -2.04 -4.71
CA VAL A 404 -18.07 -1.69 -3.30
C VAL A 404 -18.55 -0.26 -3.11
N MET A 405 -19.15 -0.01 -1.93
CA MET A 405 -19.54 1.32 -1.51
C MET A 405 -19.00 1.55 -0.11
N PHE A 406 -18.76 2.81 0.25
CA PHE A 406 -18.27 3.03 1.60
C PHE A 406 -18.70 4.38 2.14
N TRP A 407 -18.83 4.41 3.47
CA TRP A 407 -19.12 5.60 4.24
C TRP A 407 -17.99 5.79 5.25
N HIS A 408 -17.25 6.90 5.16
CA HIS A 408 -17.26 7.82 4.01
C HIS A 408 -15.83 8.33 3.74
N LEU A 409 -15.68 9.07 2.63
CA LEU A 409 -14.37 9.49 2.12
C LEU A 409 -13.57 10.26 3.17
N GLY A 410 -14.24 11.09 3.95
CA GLY A 410 -13.51 11.90 4.90
C GLY A 410 -12.93 11.14 6.06
N GLN A 411 -13.21 9.84 6.18
CA GLN A 411 -12.70 9.01 7.27
C GLN A 411 -11.51 8.16 6.87
N ASP A 412 -11.12 8.19 5.60
CA ASP A 412 -9.90 7.52 5.19
C ASP A 412 -8.71 8.26 5.77
N ASN A 413 -7.58 7.57 5.88
CA ASN A 413 -6.40 8.29 6.34
C ASN A 413 -5.94 9.26 5.25
N ARG A 414 -5.06 10.18 5.63
CA ARG A 414 -4.64 11.21 4.69
C ARG A 414 -3.98 10.62 3.44
N ASN A 415 -3.42 9.41 3.54
CA ASN A 415 -2.87 8.72 2.38
C ASN A 415 -3.91 8.01 1.52
N GLY A 416 -5.17 7.95 1.94
CA GLY A 416 -6.15 7.23 1.16
C GLY A 416 -5.89 5.74 1.08
N ASP A 417 -5.36 5.15 2.15
CA ASP A 417 -4.98 3.74 2.11
C ASP A 417 -6.20 2.83 1.90
N LEU A 418 -7.35 3.17 2.51
CA LEU A 418 -8.49 2.28 2.38
C LEU A 418 -9.01 2.26 0.94
N LEU A 419 -9.22 3.46 0.37
CA LEU A 419 -9.57 3.59 -1.05
C LEU A 419 -8.54 2.88 -1.94
N ALA A 420 -7.25 3.14 -1.70
CA ALA A 420 -6.24 2.53 -2.56
C ALA A 420 -6.27 1.02 -2.46
N ALA A 421 -6.49 0.48 -1.25
CA ALA A 421 -6.57 -0.97 -1.07
C ALA A 421 -7.71 -1.55 -1.89
N LEU A 422 -8.90 -0.96 -1.79
CA LEU A 422 -10.03 -1.43 -2.58
C LEU A 422 -9.70 -1.42 -4.07
N ASP A 423 -9.11 -0.33 -4.53
CA ASP A 423 -8.81 -0.23 -5.95
C ASP A 423 -7.78 -1.27 -6.36
N ARG A 424 -6.77 -1.47 -5.50
CA ARG A 424 -5.74 -2.48 -5.77
C ARG A 424 -6.34 -3.87 -5.96
N TYR A 425 -7.21 -4.28 -5.02
CA TYR A 425 -7.73 -5.65 -5.04
C TYR A 425 -8.60 -5.90 -6.25
N PHE A 426 -9.19 -4.85 -6.81
CA PHE A 426 -9.98 -5.03 -8.03
C PHE A 426 -9.15 -4.91 -9.31
N ASN A 427 -8.19 -3.99 -9.37
CA ASN A 427 -7.60 -3.60 -10.65
C ASN A 427 -6.09 -3.70 -10.77
N ALA A 428 -5.35 -3.93 -9.68
CA ALA A 428 -3.91 -4.04 -9.82
C ALA A 428 -3.56 -5.34 -10.54
N ALA A 429 -2.82 -5.21 -11.65
CA ALA A 429 -2.36 -6.39 -12.40
C ALA A 429 -1.41 -7.25 -11.59
N ASP A 430 -0.73 -6.68 -10.59
CA ASP A 430 0.28 -7.44 -9.85
C ASP A 430 -0.21 -7.90 -8.48
N TYR A 431 -1.50 -7.73 -8.18
CA TYR A 431 -2.09 -8.27 -6.97
C TYR A 431 -2.75 -9.62 -7.30
N ASP A 432 -2.46 -10.64 -6.49
CA ASP A 432 -3.02 -11.97 -6.68
C ASP A 432 -3.63 -12.44 -5.37
N ASP A 433 -4.95 -12.68 -5.35
CA ASP A 433 -5.60 -13.24 -4.16
C ASP A 433 -6.11 -14.65 -4.40
N SER A 434 -5.63 -15.30 -5.46
CA SER A 434 -6.08 -16.65 -5.81
C SER A 434 -5.97 -17.64 -4.67
N GLN A 435 -5.03 -17.44 -3.74
CA GLN A 435 -4.92 -18.37 -2.63
C GLN A 435 -5.24 -17.72 -1.29
N LEU A 436 -5.88 -16.55 -1.32
CA LEU A 436 -6.42 -15.95 -0.12
C LEU A 436 -7.40 -16.93 0.53
N ASP A 437 -7.09 -17.37 1.75
CA ASP A 437 -7.90 -18.35 2.47
C ASP A 437 -9.11 -17.64 3.04
N MET A 438 -10.28 -17.90 2.48
CA MET A 438 -11.53 -17.28 2.95
C MET A 438 -12.04 -17.87 4.26
N GLY A 439 -11.35 -18.85 4.86
CA GLY A 439 -11.63 -19.26 6.22
C GLY A 439 -12.81 -20.22 6.35
N THR A 440 -13.11 -20.57 7.60
CA THR A 440 -14.17 -21.51 7.94
C THR A 440 -15.27 -20.85 8.76
N GLY A 441 -15.38 -19.52 8.70
CA GLY A 441 -16.51 -18.85 9.32
C GLY A 441 -17.82 -19.26 8.67
N LEU A 442 -18.91 -19.04 9.41
CA LEU A 442 -20.20 -19.58 9.00
C LEU A 442 -20.74 -18.81 7.80
N ARG A 443 -21.09 -19.56 6.77
CA ARG A 443 -21.80 -19.03 5.61
C ARG A 443 -23.29 -19.04 5.88
N TYR A 444 -24.01 -18.17 5.18
CA TYR A 444 -25.46 -18.18 5.23
C TYR A 444 -25.99 -19.31 4.35
N THR A 445 -26.71 -20.26 4.94
CA THR A 445 -27.13 -21.48 4.26
C THR A 445 -28.51 -21.40 3.62
N GLY A 446 -29.22 -20.28 3.75
CA GLY A 446 -30.61 -20.26 3.32
C GLY A 446 -30.73 -20.46 1.82
N VAL A 447 -31.77 -21.20 1.43
CA VAL A 447 -32.04 -21.54 0.04
C VAL A 447 -33.39 -20.96 -0.32
N GLY A 448 -33.44 -20.14 -1.37
CA GLY A 448 -34.66 -19.52 -1.81
C GLY A 448 -34.83 -19.64 -3.31
N PRO A 449 -35.84 -18.94 -3.86
CA PRO A 449 -36.20 -19.14 -5.26
C PRO A 449 -35.13 -18.69 -6.25
N GLY A 450 -34.30 -17.74 -5.88
CA GLY A 450 -33.29 -17.28 -6.80
C GLY A 450 -31.95 -17.96 -6.65
N ASN A 451 -31.84 -18.97 -5.78
CA ASN A 451 -30.57 -19.68 -5.64
C ASN A 451 -30.79 -21.18 -5.47
N LEU A 452 -31.83 -21.72 -6.13
CA LEU A 452 -32.07 -23.16 -6.05
C LEU A 452 -30.93 -23.94 -6.71
N PRO A 453 -30.56 -25.09 -6.17
CA PRO A 453 -29.57 -25.93 -6.85
C PRO A 453 -30.11 -26.50 -8.15
N ILE A 454 -29.24 -26.61 -9.16
CA ILE A 454 -29.62 -27.33 -10.37
C ILE A 454 -29.73 -28.80 -10.04
N MET A 455 -30.80 -29.45 -10.53
CA MET A 455 -31.10 -30.84 -10.24
C MET A 455 -31.72 -31.50 -11.46
N THR A 456 -31.73 -32.83 -11.45
CA THR A 456 -32.47 -33.59 -12.45
C THR A 456 -33.37 -34.57 -11.72
N ALA A 457 -34.43 -34.96 -12.41
CA ALA A 457 -35.45 -35.86 -11.89
C ALA A 457 -36.35 -36.31 -13.03
N PRO A 458 -36.90 -37.52 -12.95
CA PRO A 458 -37.80 -37.98 -14.01
C PRO A 458 -38.97 -37.01 -14.17
N ALA A 459 -39.43 -36.86 -15.41
CA ALA A 459 -40.51 -35.93 -15.69
C ALA A 459 -41.79 -36.32 -14.95
N TYR A 460 -42.55 -35.31 -14.53
CA TYR A 460 -43.85 -35.56 -13.92
C TYR A 460 -44.78 -36.22 -14.94
N VAL A 461 -45.47 -37.27 -14.51
CA VAL A 461 -46.43 -37.96 -15.39
C VAL A 461 -47.84 -37.84 -14.80
N PRO A 462 -48.72 -37.02 -15.37
CA PRO A 462 -50.09 -36.93 -14.81
C PRO A 462 -50.77 -38.29 -14.79
N GLY A 463 -51.57 -38.51 -13.75
CA GLY A 463 -52.19 -39.79 -13.49
C GLY A 463 -51.43 -40.64 -12.50
N THR A 464 -50.16 -40.34 -12.29
CA THR A 464 -49.35 -41.06 -11.33
C THR A 464 -49.70 -40.67 -9.90
N THR A 465 -49.62 -41.65 -8.98
CA THR A 465 -49.73 -41.41 -7.56
C THR A 465 -48.35 -41.51 -6.95
N TYR A 466 -47.85 -40.42 -6.36
CA TYR A 466 -46.47 -40.36 -5.92
C TYR A 466 -46.35 -40.61 -4.43
N ALA A 467 -45.31 -41.32 -4.03
CA ALA A 467 -45.04 -41.53 -2.63
C ALA A 467 -44.33 -40.32 -2.05
N GLN A 468 -44.21 -40.31 -0.72
CA GLN A 468 -43.57 -39.18 -0.05
C GLN A 468 -42.07 -39.15 -0.38
N GLY A 469 -41.56 -37.96 -0.64
CA GLY A 469 -40.16 -37.83 -0.95
C GLY A 469 -39.82 -38.05 -2.40
N ALA A 470 -40.79 -38.45 -3.22
CA ALA A 470 -40.56 -38.59 -4.66
C ALA A 470 -40.15 -37.26 -5.28
N LEU A 471 -39.30 -37.33 -6.31
CA LEU A 471 -38.82 -36.14 -7.01
C LEU A 471 -39.19 -36.21 -8.49
N VAL A 472 -39.73 -35.11 -9.02
CA VAL A 472 -40.06 -35.04 -10.44
C VAL A 472 -39.58 -33.70 -10.98
N SER A 473 -39.43 -33.65 -12.30
CA SER A 473 -39.20 -32.39 -12.99
C SER A 473 -40.51 -31.94 -13.62
N TYR A 474 -40.74 -30.64 -13.62
CA TYR A 474 -41.97 -30.06 -14.15
C TYR A 474 -41.85 -28.56 -14.29
N GLN A 475 -42.14 -28.04 -15.48
CA GLN A 475 -42.16 -26.60 -15.74
C GLN A 475 -40.87 -25.95 -15.28
N GLY A 476 -39.75 -26.62 -15.55
CA GLY A 476 -38.44 -26.05 -15.31
C GLY A 476 -37.85 -26.30 -13.94
N TYR A 477 -38.59 -26.96 -13.03
CA TYR A 477 -38.13 -27.16 -11.67
C TYR A 477 -38.21 -28.63 -11.29
N VAL A 478 -37.40 -29.00 -10.31
CA VAL A 478 -37.47 -30.29 -9.63
C VAL A 478 -38.24 -30.11 -8.33
N TRP A 479 -39.12 -31.05 -8.04
CA TRP A 479 -40.10 -30.94 -6.98
C TRP A 479 -40.09 -32.21 -6.14
N GLN A 480 -40.35 -32.04 -4.84
CA GLN A 480 -40.40 -33.14 -3.91
C GLN A 480 -41.75 -33.13 -3.21
N THR A 481 -42.34 -34.31 -3.02
CA THR A 481 -43.57 -34.45 -2.25
C THR A 481 -43.24 -34.41 -0.76
N LYS A 482 -44.04 -33.66 -0.01
CA LYS A 482 -43.82 -33.57 1.42
C LYS A 482 -44.59 -34.63 2.21
N TRP A 483 -45.54 -35.31 1.57
CA TRP A 483 -46.23 -36.43 2.18
C TRP A 483 -46.64 -37.38 1.05
N GLY A 484 -47.37 -38.44 1.42
CA GLY A 484 -47.62 -39.53 0.51
C GLY A 484 -48.98 -39.47 -0.16
N TYR A 485 -49.14 -40.34 -1.18
CA TYR A 485 -50.37 -40.47 -1.98
C TYR A 485 -50.75 -39.13 -2.63
N ILE A 486 -49.88 -38.70 -3.53
CA ILE A 486 -50.02 -37.41 -4.20
C ILE A 486 -50.54 -37.67 -5.61
N THR A 487 -51.75 -37.18 -5.90
CA THR A 487 -52.39 -37.38 -7.20
C THR A 487 -52.49 -36.10 -8.01
N SER A 488 -51.98 -34.99 -7.47
CA SER A 488 -51.98 -33.68 -8.11
C SER A 488 -50.61 -33.38 -8.69
N ALA A 489 -50.55 -32.34 -9.51
CA ALA A 489 -49.35 -31.94 -10.20
C ALA A 489 -48.59 -30.87 -9.40
N PRO A 490 -47.27 -30.85 -9.54
CA PRO A 490 -46.48 -29.76 -8.95
C PRO A 490 -46.99 -28.42 -9.43
N GLY A 491 -46.91 -27.42 -8.55
CA GLY A 491 -47.47 -26.12 -8.81
C GLY A 491 -48.97 -26.02 -8.62
N SER A 492 -49.69 -27.14 -8.61
CA SER A 492 -51.12 -27.16 -8.36
C SER A 492 -51.47 -27.66 -6.96
N ASP A 493 -50.48 -28.01 -6.13
CA ASP A 493 -50.76 -28.63 -4.85
C ASP A 493 -49.78 -28.20 -3.77
N SER A 494 -50.29 -28.06 -2.55
CA SER A 494 -49.45 -27.86 -1.38
C SER A 494 -48.51 -29.04 -1.11
N ALA A 495 -48.72 -30.19 -1.75
CA ALA A 495 -47.89 -31.36 -1.47
C ALA A 495 -46.52 -31.28 -2.11
N TRP A 496 -46.36 -30.46 -3.14
CA TRP A 496 -45.12 -30.38 -3.91
C TRP A 496 -44.28 -29.21 -3.43
N LEU A 497 -43.02 -29.50 -3.07
CA LEU A 497 -42.06 -28.49 -2.67
C LEU A 497 -41.04 -28.27 -3.79
N LYS A 498 -40.86 -27.02 -4.20
CA LYS A 498 -39.87 -26.71 -5.21
C LYS A 498 -38.49 -26.81 -4.58
N VAL A 499 -37.68 -27.76 -5.06
CA VAL A 499 -36.35 -27.97 -4.49
C VAL A 499 -35.22 -27.70 -5.47
N GLY A 500 -35.48 -27.56 -6.78
CA GLY A 500 -34.34 -27.49 -7.67
C GLY A 500 -34.57 -26.97 -9.08
N ARG A 501 -33.46 -27.00 -9.84
CA ARG A 501 -33.29 -26.50 -11.21
C ARG A 501 -33.95 -25.15 -11.41
N THR B 7 16.91 -18.74 -1.74
CA THR B 7 17.22 -18.10 -0.46
C THR B 7 16.65 -16.70 -0.38
N ARG B 8 16.32 -16.33 0.85
CA ARG B 8 15.70 -15.05 1.15
C ARG B 8 16.63 -13.90 0.78
N LYS B 9 16.09 -12.93 0.02
CA LYS B 9 16.82 -11.71 -0.30
C LYS B 9 17.03 -10.87 0.95
N ALA B 10 18.23 -10.27 1.04
CA ALA B 10 18.56 -9.37 2.14
C ALA B 10 17.75 -8.07 2.08
N VAL B 11 17.35 -7.60 3.26
CA VAL B 11 16.68 -6.31 3.40
C VAL B 11 17.42 -5.62 4.54
N ILE B 12 18.27 -4.67 4.20
CA ILE B 12 19.23 -4.07 5.13
C ILE B 12 18.90 -2.59 5.29
N GLY B 13 18.35 -2.24 6.45
CA GLY B 13 17.97 -0.87 6.72
C GLY B 13 18.86 -0.26 7.80
N TYR B 14 19.39 0.93 7.50
CA TYR B 14 20.19 1.66 8.47
C TYR B 14 19.30 2.23 9.56
N TYR B 15 19.74 2.08 10.80
CA TYR B 15 19.22 2.84 11.92
C TYR B 15 20.31 3.82 12.32
N PHE B 16 20.11 5.08 12.03
CA PHE B 16 21.07 6.12 12.33
C PHE B 16 20.57 6.93 13.52
N ILE B 17 21.41 7.11 14.53
CA ILE B 17 21.05 7.97 15.64
C ILE B 17 22.30 8.74 16.08
N PRO B 18 22.23 10.07 16.08
CA PRO B 18 23.40 10.86 16.49
C PRO B 18 23.65 10.73 17.98
N THR B 19 24.85 11.14 18.39
CA THR B 19 25.25 11.00 19.79
C THR B 19 24.32 11.77 20.74
N ASN B 20 23.92 12.99 20.36
CA ASN B 20 23.00 13.72 21.24
C ASN B 20 21.68 12.98 21.44
N GLN B 21 21.17 12.31 20.40
CA GLN B 21 19.92 11.58 20.57
C GLN B 21 20.10 10.35 21.43
N ILE B 22 21.25 9.68 21.32
CA ILE B 22 21.58 8.58 22.23
C ILE B 22 21.62 9.09 23.66
N ASN B 23 22.36 10.17 23.89
CA ASN B 23 22.57 10.69 25.22
C ASN B 23 21.27 11.16 25.85
N ASN B 24 20.27 11.52 25.04
CA ASN B 24 18.99 12.00 25.53
C ASN B 24 17.86 11.09 25.03
N TYR B 25 18.13 9.79 24.94
CA TYR B 25 17.20 8.89 24.28
C TYR B 25 15.87 8.83 25.01
N THR B 26 14.79 8.99 24.23
CA THR B 26 13.43 8.87 24.74
C THR B 26 12.52 8.42 23.61
N GLU B 27 11.54 7.58 23.95
CA GLU B 27 10.58 7.07 22.98
C GLU B 27 9.25 7.83 23.04
N THR B 28 9.24 9.01 23.67
CA THR B 28 8.01 9.75 23.92
C THR B 28 8.11 11.23 23.56
N ASP B 29 9.14 11.65 22.81
CA ASP B 29 9.33 13.07 22.51
C ASP B 29 10.08 13.15 21.17
N THR B 30 9.31 13.28 20.09
CA THR B 30 9.88 13.31 18.74
C THR B 30 10.75 14.53 18.49
N SER B 31 10.66 15.57 19.33
CA SER B 31 11.57 16.70 19.17
C SER B 31 12.97 16.35 19.64
N VAL B 32 13.11 15.38 20.55
CA VAL B 32 14.42 14.93 20.98
C VAL B 32 14.86 13.81 20.07
N VAL B 33 14.12 12.70 20.06
CA VAL B 33 14.42 11.57 19.18
C VAL B 33 13.30 11.41 18.17
N PRO B 34 13.49 11.86 16.92
CA PRO B 34 12.40 11.74 15.93
C PRO B 34 12.02 10.29 15.61
N PHE B 35 12.95 9.33 15.71
CA PHE B 35 12.67 7.96 15.30
C PHE B 35 13.18 6.98 16.35
N PRO B 36 12.44 6.80 17.45
CA PRO B 36 12.85 5.83 18.46
C PRO B 36 12.68 4.40 17.95
N VAL B 37 13.46 3.50 18.54
CA VAL B 37 13.42 2.08 18.20
C VAL B 37 11.99 1.52 18.34
N SER B 38 11.20 2.09 19.25
CA SER B 38 9.81 1.66 19.40
C SER B 38 9.04 1.77 18.09
N ASN B 39 9.42 2.69 17.20
CA ASN B 39 8.75 2.78 15.90
C ASN B 39 8.98 1.54 15.04
N ILE B 40 9.96 0.72 15.37
CA ILE B 40 10.24 -0.52 14.65
C ILE B 40 9.38 -1.60 15.29
N THR B 41 8.19 -1.80 14.74
CA THR B 41 7.22 -2.74 15.27
C THR B 41 7.66 -4.18 15.01
N PRO B 42 6.98 -5.17 15.60
CA PRO B 42 7.28 -6.57 15.27
C PRO B 42 7.14 -6.88 13.79
N ALA B 43 6.09 -6.36 13.15
CA ALA B 43 5.91 -6.59 11.72
C ALA B 43 7.09 -6.06 10.93
N LYS B 44 7.54 -4.84 11.26
CA LYS B 44 8.71 -4.27 10.59
C LYS B 44 9.95 -5.10 10.87
N ALA B 45 10.08 -5.61 12.10
CA ALA B 45 11.21 -6.47 12.42
C ALA B 45 11.18 -7.75 11.59
N LYS B 46 9.99 -8.24 11.25
CA LYS B 46 9.89 -9.44 10.41
C LYS B 46 10.26 -9.13 8.97
N GLN B 47 10.13 -7.87 8.53
CA GLN B 47 10.44 -7.49 7.16
C GLN B 47 11.91 -7.14 6.94
N LEU B 48 12.69 -6.95 8.00
CA LEU B 48 14.11 -6.70 7.86
C LEU B 48 14.87 -8.01 7.99
N THR B 49 16.02 -8.10 7.30
CA THR B 49 16.98 -9.14 7.66
C THR B 49 18.15 -8.59 8.43
N HIS B 50 18.47 -7.32 8.24
CA HIS B 50 19.57 -6.67 8.95
C HIS B 50 19.17 -5.25 9.30
N ILE B 51 19.58 -4.79 10.47
CA ILE B 51 19.59 -3.38 10.81
C ILE B 51 21.03 -2.95 10.99
N ASN B 52 21.44 -1.92 10.25
CA ASN B 52 22.78 -1.35 10.39
C ASN B 52 22.70 -0.20 11.37
N PHE B 53 23.00 -0.49 12.64
CA PHE B 53 23.14 0.57 13.63
C PHE B 53 24.37 1.40 13.30
N SER B 54 24.24 2.72 13.42
CA SER B 54 25.28 3.61 12.89
C SER B 54 25.21 4.95 13.60
N PHE B 55 26.39 5.58 13.81
CA PHE B 55 27.72 5.14 13.40
C PHE B 55 28.71 5.06 14.55
N LEU B 56 29.53 4.02 14.56
CA LEU B 56 30.73 3.99 15.36
C LEU B 56 31.88 4.47 14.47
N ASP B 57 33.09 4.49 15.03
CA ASP B 57 34.21 5.15 14.37
C ASP B 57 35.49 4.37 14.68
N ILE B 58 36.60 4.88 14.17
CA ILE B 58 37.93 4.43 14.56
C ILE B 58 38.63 5.62 15.20
N ASN B 59 39.14 5.42 16.42
CA ASN B 59 39.72 6.51 17.21
C ASN B 59 41.22 6.62 16.91
N SER B 60 41.88 7.55 17.58
CA SER B 60 43.30 7.79 17.31
C SER B 60 44.16 6.67 17.83
N ASN B 61 43.63 5.86 18.74
CA ASN B 61 44.28 4.61 19.15
C ASN B 61 44.15 3.52 18.07
N LEU B 62 43.51 3.84 16.95
CA LEU B 62 43.35 2.93 15.81
C LEU B 62 42.51 1.72 16.18
N GLU B 63 41.56 1.92 17.08
CA GLU B 63 40.59 0.89 17.47
C GLU B 63 39.18 1.34 17.13
N CYS B 64 38.31 0.36 16.91
CA CYS B 64 36.89 0.66 16.75
C CYS B 64 36.34 1.25 18.04
N ALA B 65 35.56 2.32 17.92
CA ALA B 65 35.11 3.01 19.12
C ALA B 65 33.84 3.78 18.83
N TRP B 66 33.02 3.94 19.88
CA TRP B 66 31.97 4.94 19.91
C TRP B 66 32.57 6.34 19.98
N ASP B 67 31.83 7.30 19.42
CA ASP B 67 32.03 8.72 19.68
C ASP B 67 32.38 8.89 21.15
N PRO B 68 33.52 9.52 21.45
CA PRO B 68 33.89 9.74 22.86
C PRO B 68 32.82 10.45 23.70
N ALA B 69 31.95 11.25 23.08
CA ALA B 69 30.89 11.90 23.84
C ALA B 69 29.76 10.96 24.26
N THR B 70 29.80 9.69 23.87
CA THR B 70 28.65 8.82 24.05
C THR B 70 28.49 8.43 25.52
N ASN B 71 27.25 8.50 26.00
CA ASN B 71 26.91 7.93 27.29
C ASN B 71 26.80 6.42 27.11
N ASP B 72 27.74 5.67 27.69
CA ASP B 72 27.84 4.25 27.36
C ASP B 72 26.60 3.49 27.80
N ALA B 73 25.99 3.89 28.91
CA ALA B 73 24.78 3.22 29.38
C ALA B 73 23.63 3.49 28.43
N LYS B 74 23.43 4.76 28.06
CA LYS B 74 22.39 5.12 27.12
C LYS B 74 22.60 4.41 25.78
N ALA B 75 23.86 4.20 25.37
CA ALA B 75 24.12 3.51 24.11
C ALA B 75 23.74 2.05 24.20
N ARG B 76 24.17 1.37 25.28
CA ARG B 76 23.77 -0.02 25.46
C ARG B 76 22.27 -0.16 25.46
N ASP B 77 21.56 0.80 26.07
CA ASP B 77 20.11 0.67 26.13
C ASP B 77 19.50 0.77 24.75
N VAL B 78 20.02 1.66 23.90
CA VAL B 78 19.51 1.76 22.54
C VAL B 78 19.80 0.47 21.79
N VAL B 79 21.01 -0.08 21.95
CA VAL B 79 21.34 -1.32 21.24
C VAL B 79 20.44 -2.45 21.71
N ASN B 80 20.20 -2.54 23.03
CA ASN B 80 19.35 -3.59 23.58
C ASN B 80 17.96 -3.54 22.99
N ARG B 81 17.42 -2.32 22.82
CA ARG B 81 16.10 -2.20 22.23
C ARG B 81 16.11 -2.74 20.82
N LEU B 82 17.21 -2.53 20.10
CA LEU B 82 17.33 -3.09 18.75
C LEU B 82 17.45 -4.62 18.79
N THR B 83 18.31 -5.14 19.67
CA THR B 83 18.51 -6.60 19.66
C THR B 83 17.28 -7.34 20.18
N ALA B 84 16.51 -6.72 21.09
CA ALA B 84 15.24 -7.33 21.50
C ALA B 84 14.36 -7.66 20.30
N LEU B 85 14.49 -6.91 19.21
CA LEU B 85 13.66 -7.16 18.04
C LEU B 85 13.88 -8.55 17.46
N LYS B 86 15.04 -9.16 17.74
CA LYS B 86 15.28 -10.49 17.19
C LYS B 86 14.28 -11.51 17.72
N ALA B 87 13.59 -11.20 18.82
CA ALA B 87 12.52 -12.07 19.31
C ALA B 87 11.44 -12.28 18.27
N HIS B 88 11.23 -11.30 17.40
CA HIS B 88 10.18 -11.38 16.40
C HIS B 88 10.65 -11.97 15.10
N ASN B 89 11.96 -12.07 14.91
CA ASN B 89 12.49 -12.57 13.65
C ASN B 89 13.77 -13.34 13.94
N PRO B 90 13.76 -14.66 13.76
CA PRO B 90 14.97 -15.45 14.02
C PRO B 90 16.08 -15.17 13.03
N SER B 91 15.77 -14.63 11.86
CA SER B 91 16.79 -14.34 10.88
C SER B 91 17.42 -12.97 11.06
N LEU B 92 16.89 -12.15 11.97
CA LEU B 92 17.27 -10.74 12.04
C LEU B 92 18.64 -10.59 12.69
N ARG B 93 19.45 -9.69 12.13
CA ARG B 93 20.76 -9.35 12.66
C ARG B 93 20.85 -7.85 12.90
N ILE B 94 21.42 -7.46 14.03
CA ILE B 94 21.71 -6.07 14.31
C ILE B 94 23.20 -5.89 14.06
N MET B 95 23.53 -5.41 12.87
CA MET B 95 24.89 -5.03 12.55
C MET B 95 25.21 -3.70 13.20
N PHE B 96 26.49 -3.36 13.24
CA PHE B 96 26.88 -2.01 13.58
C PHE B 96 27.83 -1.52 12.50
N SER B 97 27.76 -0.22 12.20
CA SER B 97 28.49 0.37 11.09
C SER B 97 29.60 1.25 11.63
N ILE B 98 30.79 1.07 11.10
CA ILE B 98 31.94 1.90 11.42
C ILE B 98 32.19 2.82 10.23
N GLY B 99 32.24 4.12 10.50
CA GLY B 99 32.57 5.05 9.43
C GLY B 99 31.45 5.99 9.06
N GLY B 100 31.02 5.91 7.81
CA GLY B 100 30.12 6.89 7.25
C GLY B 100 30.91 8.07 6.73
N TRP B 101 30.21 8.94 6.00
CA TRP B 101 30.91 10.01 5.28
C TRP B 101 31.65 10.95 6.23
N TYR B 102 30.95 11.46 7.25
CA TYR B 102 31.48 12.52 8.09
C TYR B 102 32.76 12.10 8.80
N TYR B 103 32.80 10.87 9.30
CA TYR B 103 33.99 10.36 9.97
C TYR B 103 35.12 10.05 8.97
N SER B 104 34.77 9.50 7.79
CA SER B 104 35.71 8.72 7.01
C SER B 104 36.03 9.26 5.61
N ASN B 105 35.36 10.31 5.14
CA ASN B 105 35.80 10.87 3.87
C ASN B 105 37.22 11.46 4.02
N ASP B 106 37.85 11.75 2.89
CA ASP B 106 39.25 12.16 2.88
C ASP B 106 39.51 13.30 3.87
N LEU B 107 38.61 14.28 3.94
CA LEU B 107 38.71 15.42 4.83
C LEU B 107 37.87 15.28 6.09
N GLY B 108 37.42 14.05 6.42
CA GLY B 108 36.59 13.84 7.59
C GLY B 108 37.40 13.90 8.88
N VAL B 109 36.69 13.91 10.01
CA VAL B 109 37.36 14.14 11.29
C VAL B 109 38.27 12.98 11.67
N SER B 110 38.00 11.76 11.18
CA SER B 110 38.76 10.60 11.62
C SER B 110 39.50 9.90 10.50
N HIS B 111 39.56 10.49 9.30
CA HIS B 111 40.06 9.76 8.13
C HIS B 111 41.41 9.08 8.39
N ALA B 112 42.35 9.81 9.01
CA ALA B 112 43.67 9.26 9.28
C ALA B 112 43.63 7.97 10.08
N ASN B 113 42.64 7.84 10.98
CA ASN B 113 42.58 6.62 11.77
C ASN B 113 42.18 5.42 10.91
N TYR B 114 41.39 5.64 9.87
CA TYR B 114 41.10 4.56 8.93
C TYR B 114 42.35 4.17 8.16
N VAL B 115 43.05 5.17 7.61
CA VAL B 115 44.26 4.88 6.83
C VAL B 115 45.32 4.18 7.68
N ASN B 116 45.53 4.67 8.91
CA ASN B 116 46.60 4.13 9.74
C ASN B 116 46.23 2.83 10.42
N ALA B 117 44.93 2.53 10.57
CA ALA B 117 44.57 1.31 11.26
C ALA B 117 44.87 0.08 10.41
N VAL B 118 44.93 0.23 9.09
CA VAL B 118 45.06 -0.91 8.20
C VAL B 118 46.51 -1.09 7.72
N LYS B 119 47.44 -0.31 8.25
CA LYS B 119 48.78 -0.25 7.65
C LYS B 119 49.55 -1.54 7.88
N THR B 120 49.62 -2.02 9.10
CA THR B 120 50.53 -3.10 9.42
C THR B 120 49.76 -4.35 9.83
N PRO B 121 50.41 -5.51 9.85
CA PRO B 121 49.74 -6.69 10.44
C PRO B 121 49.36 -6.46 11.89
N ALA B 122 50.21 -5.74 12.65
CA ALA B 122 49.92 -5.46 14.05
C ALA B 122 48.78 -4.46 14.19
N SER B 123 48.76 -3.41 13.35
CA SER B 123 47.64 -2.46 13.40
C SER B 123 46.35 -3.15 13.01
N ARG B 124 46.39 -3.94 11.92
CA ARG B 124 45.19 -4.64 11.46
C ARG B 124 44.70 -5.65 12.49
N ALA B 125 45.61 -6.38 13.13
CA ALA B 125 45.16 -7.31 14.16
C ALA B 125 44.58 -6.57 15.35
N LYS B 126 45.19 -5.45 15.74
CA LYS B 126 44.61 -4.66 16.83
C LYS B 126 43.26 -4.09 16.43
N PHE B 127 43.16 -3.51 15.24
CA PHE B 127 41.88 -2.96 14.81
C PHE B 127 40.81 -4.05 14.73
N ALA B 128 41.15 -5.18 14.10
CA ALA B 128 40.15 -6.23 13.88
C ALA B 128 39.66 -6.80 15.21
N GLN B 129 40.58 -7.03 16.14
CA GLN B 129 40.17 -7.53 17.46
C GLN B 129 39.24 -6.54 18.15
N SER B 130 39.50 -5.22 18.01
CA SER B 130 38.60 -4.23 18.60
C SER B 130 37.20 -4.29 18.00
N CYS B 131 37.09 -4.59 16.69
CA CYS B 131 35.76 -4.72 16.09
C CYS B 131 34.98 -5.86 16.73
N VAL B 132 35.64 -7.02 16.92
CA VAL B 132 34.95 -8.19 17.48
C VAL B 132 34.68 -7.98 18.96
N ARG B 133 35.62 -7.37 19.68
CA ARG B 133 35.36 -7.04 21.08
C ARG B 133 34.13 -6.13 21.19
N ILE B 134 34.03 -5.12 20.34
CA ILE B 134 32.88 -4.20 20.40
C ILE B 134 31.60 -4.96 20.09
N MET B 135 31.60 -5.73 18.99
CA MET B 135 30.44 -6.51 18.60
C MET B 135 29.92 -7.34 19.76
N LYS B 136 30.83 -8.04 20.45
CA LYS B 136 30.44 -8.93 21.54
C LYS B 136 29.97 -8.16 22.76
N ASP B 137 30.64 -7.05 23.08
CA ASP B 137 30.33 -6.31 24.29
C ASP B 137 28.92 -5.73 24.26
N TYR B 138 28.43 -5.39 23.06
CA TYR B 138 27.13 -4.71 22.92
C TYR B 138 26.04 -5.61 22.36
N GLY B 139 26.36 -6.83 21.92
CA GLY B 139 25.35 -7.73 21.40
C GLY B 139 25.09 -7.63 19.91
N PHE B 140 25.97 -6.98 19.16
CA PHE B 140 25.80 -6.88 17.72
C PHE B 140 26.01 -8.25 17.07
N ASP B 141 25.48 -8.39 15.86
CA ASP B 141 25.50 -9.65 15.13
C ASP B 141 26.49 -9.66 13.97
N GLY B 142 27.24 -8.58 13.78
CA GLY B 142 28.12 -8.47 12.63
C GLY B 142 28.73 -7.09 12.59
N VAL B 143 29.65 -6.94 11.65
CA VAL B 143 30.44 -5.71 11.49
C VAL B 143 30.21 -5.17 10.09
N ASP B 144 29.88 -3.89 10.00
CA ASP B 144 29.74 -3.21 8.72
C ASP B 144 30.71 -2.05 8.68
N ILE B 145 31.51 -1.96 7.62
CA ILE B 145 32.52 -0.91 7.49
C ILE B 145 32.14 0.01 6.35
N ASP B 146 31.99 1.29 6.65
CA ASP B 146 31.59 2.31 5.68
C ASP B 146 32.71 3.34 5.58
N TRP B 147 33.87 2.91 5.10
CA TRP B 147 34.97 3.82 4.79
C TRP B 147 34.72 4.42 3.41
N GLU B 148 34.60 5.74 3.33
CA GLU B 148 34.20 6.38 2.07
C GLU B 148 35.26 7.37 1.60
N TYR B 149 36.35 6.88 0.96
CA TYR B 149 36.62 5.49 0.54
C TYR B 149 38.14 5.28 0.52
N PRO B 150 38.60 4.05 0.80
CA PRO B 150 40.04 3.78 0.70
C PRO B 150 40.57 4.14 -0.67
N GLN B 151 41.72 4.83 -0.69
CA GLN B 151 42.42 5.20 -1.91
C GLN B 151 43.29 4.04 -2.36
N ALA B 152 43.72 4.11 -3.63
CA ALA B 152 44.44 3.01 -4.28
C ALA B 152 45.51 2.36 -3.38
N ALA B 153 46.38 3.17 -2.79
CA ALA B 153 47.49 2.63 -2.02
C ALA B 153 47.06 2.07 -0.67
N GLU B 154 45.87 2.41 -0.20
CA GLU B 154 45.36 1.88 1.05
C GLU B 154 44.55 0.61 0.88
N VAL B 155 44.27 0.21 -0.36
CA VAL B 155 43.27 -0.81 -0.62
C VAL B 155 43.75 -2.18 -0.13
N ASP B 156 45.00 -2.56 -0.40
CA ASP B 156 45.52 -3.85 0.09
C ASP B 156 45.46 -3.94 1.61
N GLY B 157 45.91 -2.90 2.31
CA GLY B 157 45.75 -2.89 3.76
C GLY B 157 44.30 -3.07 4.18
N PHE B 158 43.39 -2.39 3.48
CA PHE B 158 41.96 -2.52 3.73
C PHE B 158 41.47 -3.95 3.47
N ILE B 159 41.94 -4.56 2.38
CA ILE B 159 41.70 -5.99 2.11
C ILE B 159 42.10 -6.83 3.32
N ALA B 160 43.37 -6.72 3.71
CA ALA B 160 43.90 -7.54 4.77
C ALA B 160 43.13 -7.32 6.07
N ALA B 161 42.69 -6.08 6.30
CA ALA B 161 41.92 -5.79 7.51
C ALA B 161 40.59 -6.50 7.47
N LEU B 162 39.94 -6.53 6.32
CA LEU B 162 38.71 -7.29 6.18
C LEU B 162 38.96 -8.78 6.43
N GLN B 163 39.98 -9.36 5.77
CA GLN B 163 40.31 -10.77 5.94
C GLN B 163 40.56 -11.09 7.40
N GLU B 164 41.22 -10.18 8.11
CA GLU B 164 41.48 -10.38 9.52
C GLU B 164 40.19 -10.36 10.34
N ILE B 165 39.25 -9.45 10.02
CA ILE B 165 37.96 -9.46 10.70
C ILE B 165 37.22 -10.75 10.41
N ARG B 166 37.20 -11.14 9.13
CA ARG B 166 36.60 -12.40 8.74
C ARG B 166 37.14 -13.55 9.58
N THR B 167 38.47 -13.60 9.76
CA THR B 167 39.06 -14.69 10.53
C THR B 167 38.56 -14.69 11.97
N LEU B 168 38.49 -13.53 12.60
CA LEU B 168 38.06 -13.48 13.98
C LEU B 168 36.55 -13.67 14.12
N LEU B 169 35.79 -13.34 13.08
CA LEU B 169 34.33 -13.49 13.18
C LEU B 169 33.92 -14.95 13.08
N ASN B 170 34.49 -15.68 12.13
CA ASN B 170 34.26 -17.12 12.01
C ASN B 170 34.71 -17.84 13.28
N GLN B 171 35.84 -17.44 13.84
CA GLN B 171 36.29 -17.92 15.14
C GLN B 171 35.24 -17.72 16.20
N GLN B 172 34.77 -16.48 16.36
CA GLN B 172 33.77 -16.20 17.37
C GLN B 172 32.49 -16.99 17.13
N THR B 173 32.14 -17.23 15.86
CA THR B 173 30.94 -18.02 15.54
C THR B 173 31.06 -19.43 16.11
N ILE B 174 32.21 -20.09 15.88
CA ILE B 174 32.44 -21.41 16.48
C ILE B 174 32.45 -21.31 18.00
N THR B 175 33.18 -20.32 18.53
CA THR B 175 33.28 -20.16 19.98
C THR B 175 31.90 -19.99 20.63
N ASP B 176 31.01 -19.20 20.04
CA ASP B 176 29.70 -18.95 20.62
C ASP B 176 28.65 -19.94 20.11
N GLY B 177 29.05 -20.93 19.32
CA GLY B 177 28.11 -21.88 18.77
C GLY B 177 26.97 -21.23 18.01
N ARG B 178 27.32 -20.37 17.06
CA ARG B 178 26.34 -19.56 16.33
C ARG B 178 26.21 -19.97 14.85
N GLN B 179 26.50 -21.23 14.52
CA GLN B 179 26.51 -21.62 13.11
C GLN B 179 25.16 -21.39 12.43
N ALA B 180 24.07 -21.32 13.20
CA ALA B 180 22.76 -21.11 12.62
C ALA B 180 22.51 -19.65 12.24
N LEU B 181 23.18 -18.72 12.92
CA LEU B 181 23.16 -17.30 12.57
C LEU B 181 24.56 -16.73 12.75
N PRO B 182 25.48 -17.08 11.85
CA PRO B 182 26.89 -16.70 12.05
C PRO B 182 27.10 -15.20 11.92
N TYR B 183 28.09 -14.70 12.66
CA TYR B 183 28.44 -13.29 12.57
C TYR B 183 28.85 -12.96 11.14
N GLN B 184 28.50 -11.75 10.70
CA GLN B 184 28.66 -11.36 9.32
C GLN B 184 29.53 -10.11 9.21
N LEU B 185 30.07 -9.93 8.02
CA LEU B 185 30.91 -8.80 7.68
C LEU B 185 30.45 -8.26 6.34
N THR B 186 30.24 -6.95 6.29
CA THR B 186 29.76 -6.26 5.10
C THR B 186 30.48 -4.92 5.01
N ILE B 187 30.40 -4.29 3.83
CA ILE B 187 30.80 -2.89 3.68
C ILE B 187 29.76 -2.14 2.86
N ALA B 188 29.73 -0.82 3.07
CA ALA B 188 29.08 0.08 2.13
C ALA B 188 30.06 0.40 1.01
N GLY B 189 29.64 0.16 -0.24
CA GLY B 189 30.47 0.39 -1.40
C GLY B 189 29.97 1.60 -2.17
N ALA B 190 30.88 2.26 -2.85
CA ALA B 190 30.49 3.36 -3.72
C ALA B 190 29.51 2.86 -4.77
N GLY B 191 28.50 3.69 -5.04
CA GLY B 191 27.52 3.43 -6.06
C GLY B 191 27.70 4.20 -7.35
N GLY B 192 28.77 4.99 -7.47
CA GLY B 192 29.07 5.70 -8.69
C GLY B 192 30.52 5.52 -9.07
N ALA B 193 30.79 5.66 -10.38
CA ALA B 193 32.09 5.28 -10.91
C ALA B 193 33.23 6.11 -10.33
N PHE B 194 32.96 7.36 -9.95
CA PHE B 194 34.06 8.25 -9.56
C PHE B 194 34.76 7.75 -8.31
N PHE B 195 34.01 7.50 -7.23
CA PHE B 195 34.63 6.93 -6.02
C PHE B 195 34.96 5.45 -6.19
N LEU B 196 34.12 4.71 -6.93
CA LEU B 196 34.41 3.31 -7.19
C LEU B 196 35.77 3.12 -7.87
N SER B 197 36.21 4.11 -8.67
CA SER B 197 37.47 3.97 -9.39
C SER B 197 38.65 3.85 -8.44
N ARG B 198 38.52 4.30 -7.19
CA ARG B 198 39.65 4.22 -6.25
C ARG B 198 40.07 2.77 -5.99
N TYR B 199 39.11 1.84 -5.87
CA TYR B 199 39.41 0.48 -5.45
C TYR B 199 38.87 -0.57 -6.41
N TYR B 200 38.30 -0.15 -7.54
CA TYR B 200 37.62 -1.04 -8.47
C TYR B 200 38.49 -2.21 -8.89
N SER B 201 39.76 -1.97 -9.18
CA SER B 201 40.60 -3.04 -9.70
C SER B 201 40.74 -4.19 -8.70
N LYS B 202 40.45 -3.96 -7.42
CA LYS B 202 40.60 -4.97 -6.38
C LYS B 202 39.26 -5.39 -5.80
N LEU B 203 38.18 -5.28 -6.59
CA LEU B 203 36.86 -5.66 -6.08
C LEU B 203 36.83 -7.11 -5.63
N ALA B 204 37.45 -8.00 -6.41
CA ALA B 204 37.40 -9.42 -6.10
C ALA B 204 37.93 -9.67 -4.70
N GLN B 205 39.12 -9.15 -4.40
CA GLN B 205 39.70 -9.36 -3.09
C GLN B 205 39.02 -8.51 -2.01
N ILE B 206 38.39 -7.38 -2.37
CA ILE B 206 37.60 -6.64 -1.40
C ILE B 206 36.38 -7.45 -0.99
N VAL B 207 35.71 -8.07 -1.95
CA VAL B 207 34.43 -8.72 -1.71
C VAL B 207 34.58 -10.13 -1.13
N ALA B 208 35.71 -10.80 -1.37
CA ALA B 208 35.87 -12.19 -0.93
C ALA B 208 35.59 -12.45 0.55
N PRO B 209 36.04 -11.62 1.51
CA PRO B 209 35.69 -11.89 2.92
C PRO B 209 34.32 -11.36 3.33
N LEU B 210 33.58 -10.73 2.42
CA LEU B 210 32.31 -10.12 2.78
C LEU B 210 31.18 -11.12 2.61
N ASP B 211 30.16 -11.00 3.46
CA ASP B 211 28.87 -11.56 3.09
C ASP B 211 28.17 -10.68 2.07
N TYR B 212 28.25 -9.36 2.22
CA TYR B 212 27.66 -8.47 1.22
C TYR B 212 28.51 -7.23 1.05
N ILE B 213 28.48 -6.70 -0.17
CA ILE B 213 28.88 -5.32 -0.44
C ILE B 213 27.60 -4.55 -0.78
N ASN B 214 27.23 -3.60 0.07
CA ASN B 214 26.00 -2.82 -0.09
C ASN B 214 26.30 -1.58 -0.92
N LEU B 215 25.95 -1.62 -2.21
CA LEU B 215 26.20 -0.50 -3.13
C LEU B 215 25.36 0.70 -2.75
N MET B 216 26.01 1.83 -2.53
CA MET B 216 25.28 3.05 -2.19
C MET B 216 24.77 3.71 -3.48
N THR B 217 23.83 3.01 -4.12
CA THR B 217 23.30 3.46 -5.42
C THR B 217 22.21 4.52 -5.23
N TYR B 218 22.63 5.64 -4.65
CA TYR B 218 21.84 6.84 -4.50
C TYR B 218 22.81 8.01 -4.45
N ASP B 219 22.27 9.23 -4.40
CA ASP B 219 23.09 10.44 -4.48
C ASP B 219 23.84 10.51 -5.80
N LEU B 220 23.31 9.86 -6.84
CA LEU B 220 23.90 9.95 -8.17
C LEU B 220 23.51 11.24 -8.86
N ALA B 221 22.79 12.12 -8.16
CA ALA B 221 22.53 13.47 -8.59
C ALA B 221 22.41 14.31 -7.33
N GLY B 222 22.53 15.63 -7.50
CA GLY B 222 22.48 16.51 -6.37
C GLY B 222 22.72 17.95 -6.76
N PRO B 223 22.58 18.86 -5.80
CA PRO B 223 22.75 20.29 -6.12
C PRO B 223 24.18 20.64 -6.53
N TRP B 224 25.15 19.75 -6.32
CA TRP B 224 26.53 20.02 -6.71
C TRP B 224 26.75 19.87 -8.19
N GLU B 225 25.86 19.18 -8.90
CA GLU B 225 25.90 19.15 -10.35
C GLU B 225 25.05 20.30 -10.87
N LYS B 226 25.36 20.77 -12.05
CA LYS B 226 24.70 21.97 -12.54
C LYS B 226 23.42 21.66 -13.28
N VAL B 227 23.07 20.39 -13.41
CA VAL B 227 21.87 19.96 -14.12
C VAL B 227 21.09 19.02 -13.22
N THR B 228 19.80 19.33 -13.00
CA THR B 228 18.94 18.45 -12.20
C THR B 228 18.81 17.07 -12.83
N ASN B 229 18.73 16.05 -11.98
CA ASN B 229 18.70 14.68 -12.45
C ASN B 229 18.14 13.79 -11.36
N HIS B 230 17.93 12.52 -11.72
CA HIS B 230 17.46 11.53 -10.78
C HIS B 230 18.67 11.01 -10.01
N GLN B 231 18.53 10.92 -8.69
CA GLN B 231 19.64 10.50 -7.84
C GLN B 231 19.77 8.98 -7.76
N ALA B 232 18.85 8.23 -8.37
CA ALA B 232 18.87 6.78 -8.32
C ALA B 232 18.04 6.20 -9.45
N ALA B 233 18.22 6.73 -10.66
CA ALA B 233 17.70 6.10 -11.86
C ALA B 233 18.14 4.64 -11.96
N LEU B 234 17.19 3.75 -12.21
CA LEU B 234 17.56 2.37 -12.51
C LEU B 234 18.28 2.30 -13.84
N PHE B 235 17.64 2.79 -14.90
CA PHE B 235 18.20 2.78 -16.25
C PHE B 235 18.36 4.21 -16.73
N GLY B 236 19.13 4.36 -17.80
CA GLY B 236 19.48 5.69 -18.28
C GLY B 236 18.41 6.29 -19.18
N ASP B 237 18.40 7.62 -19.21
CA ASP B 237 17.49 8.38 -20.07
C ASP B 237 18.38 9.20 -21.00
N ALA B 238 18.33 8.89 -22.30
CA ALA B 238 19.14 9.60 -23.28
C ALA B 238 18.93 11.11 -23.22
N ALA B 239 17.79 11.59 -22.70
CA ALA B 239 17.62 13.03 -22.52
C ALA B 239 18.34 13.56 -21.29
N GLY B 240 18.75 12.70 -20.36
CA GLY B 240 19.44 13.16 -19.18
C GLY B 240 20.92 13.38 -19.43
N PRO B 241 21.57 14.07 -18.50
CA PRO B 241 23.02 14.27 -18.62
C PRO B 241 23.75 12.94 -18.53
N THR B 242 24.97 12.95 -19.05
CA THR B 242 25.87 11.81 -19.00
C THR B 242 27.18 12.25 -18.36
N PHE B 243 28.01 11.28 -17.97
CA PHE B 243 29.16 11.54 -17.10
C PHE B 243 30.39 10.83 -17.62
N TYR B 244 31.54 11.38 -17.25
CA TYR B 244 32.83 10.75 -17.55
C TYR B 244 32.88 9.38 -16.88
N ASN B 245 33.31 8.35 -17.63
CA ASN B 245 33.39 7.01 -17.06
C ASN B 245 34.76 6.86 -16.38
N ALA B 246 34.80 7.23 -15.10
CA ALA B 246 36.05 7.25 -14.35
C ALA B 246 36.76 5.91 -14.35
N LEU B 247 36.01 4.79 -14.46
CA LEU B 247 36.61 3.46 -14.37
C LEU B 247 37.64 3.21 -15.47
N ARG B 248 37.51 3.88 -16.62
CA ARG B 248 38.48 3.70 -17.70
C ARG B 248 39.87 4.17 -17.31
N GLU B 249 39.98 4.91 -16.20
CA GLU B 249 41.25 5.36 -15.66
C GLU B 249 41.70 4.60 -14.43
N ALA B 250 40.96 3.58 -13.99
CA ALA B 250 41.38 2.80 -12.86
C ALA B 250 42.61 1.96 -13.22
N ASN B 251 43.37 1.57 -12.21
CA ASN B 251 44.62 0.85 -12.43
C ASN B 251 44.31 -0.64 -12.69
N LEU B 252 43.74 -0.88 -13.86
CA LEU B 252 43.40 -2.24 -14.21
C LEU B 252 44.49 -2.95 -14.99
N GLY B 253 45.31 -2.19 -15.74
CA GLY B 253 46.31 -2.78 -16.61
C GLY B 253 45.79 -3.35 -17.90
N TRP B 254 44.56 -3.00 -18.28
CA TRP B 254 43.92 -3.54 -19.47
C TRP B 254 44.38 -2.79 -20.72
N SER B 255 44.22 -3.44 -21.87
CA SER B 255 44.56 -2.77 -23.12
C SER B 255 43.51 -1.71 -23.44
N TRP B 256 43.77 -0.94 -24.50
CA TRP B 256 42.82 0.09 -24.89
C TRP B 256 41.48 -0.52 -25.29
N GLU B 257 41.51 -1.57 -26.12
CA GLU B 257 40.24 -2.19 -26.53
C GLU B 257 39.50 -2.76 -25.33
N GLU B 258 40.21 -3.33 -24.37
CA GLU B 258 39.55 -3.86 -23.18
C GLU B 258 38.89 -2.74 -22.36
N LEU B 259 39.62 -1.64 -22.11
CA LEU B 259 39.02 -0.54 -21.37
C LEU B 259 37.86 0.07 -22.12
N THR B 260 37.99 0.20 -23.45
CA THR B 260 36.97 0.89 -24.22
C THR B 260 35.65 0.11 -24.22
N ARG B 261 35.73 -1.22 -24.31
CA ARG B 261 34.50 -1.99 -24.37
C ARG B 261 33.90 -2.26 -22.99
N ALA B 262 34.67 -2.06 -21.92
CA ALA B 262 34.13 -2.14 -20.56
C ALA B 262 33.54 -0.83 -20.07
N PHE B 263 34.03 0.30 -20.56
CA PHE B 263 33.75 1.61 -19.95
C PHE B 263 33.40 2.64 -21.01
N PRO B 264 32.27 2.49 -21.68
CA PRO B 264 31.83 3.52 -22.62
C PRO B 264 31.72 4.85 -21.90
N SER B 265 32.13 5.91 -22.59
CA SER B 265 32.15 7.22 -21.96
C SER B 265 31.79 8.26 -23.01
N PRO B 266 30.98 9.27 -22.68
CA PRO B 266 30.27 9.41 -21.39
C PRO B 266 29.18 8.35 -21.18
N PHE B 267 28.65 8.24 -19.97
CA PHE B 267 27.67 7.20 -19.69
C PHE B 267 26.61 7.74 -18.73
N SER B 268 25.52 6.98 -18.63
CA SER B 268 24.42 7.33 -17.75
C SER B 268 24.71 6.76 -16.36
N LEU B 269 24.85 7.65 -15.38
CA LEU B 269 25.22 7.27 -14.02
C LEU B 269 23.98 6.72 -13.31
N THR B 270 23.73 5.41 -13.46
CA THR B 270 22.50 4.77 -12.97
C THR B 270 22.82 3.64 -11.99
N VAL B 271 21.75 3.17 -11.32
CA VAL B 271 21.87 2.01 -10.43
C VAL B 271 22.35 0.79 -11.20
N ASP B 272 21.77 0.59 -12.39
CA ASP B 272 22.15 -0.54 -13.24
C ASP B 272 23.61 -0.44 -13.69
N ALA B 273 24.12 0.78 -13.94
CA ALA B 273 25.53 0.94 -14.28
C ALA B 273 26.42 0.42 -13.14
N ALA B 274 26.16 0.86 -11.91
CA ALA B 274 27.00 0.45 -10.78
C ALA B 274 26.97 -1.06 -10.59
N VAL B 275 25.81 -1.68 -10.74
CA VAL B 275 25.71 -3.13 -10.54
C VAL B 275 26.48 -3.87 -11.61
N GLN B 276 26.21 -3.55 -12.90
CA GLN B 276 26.93 -4.21 -13.99
C GLN B 276 28.43 -4.00 -13.87
N GLN B 277 28.86 -2.78 -13.47
CA GLN B 277 30.28 -2.51 -13.27
C GLN B 277 30.89 -3.45 -12.24
N HIS B 278 30.15 -3.80 -11.18
CA HIS B 278 30.66 -4.83 -10.27
C HIS B 278 30.66 -6.22 -10.92
N LEU B 279 29.62 -6.54 -11.68
CA LEU B 279 29.55 -7.87 -12.30
C LEU B 279 30.59 -8.04 -13.40
N MET B 280 31.17 -6.94 -13.87
CA MET B 280 32.16 -7.03 -14.94
C MET B 280 33.48 -7.61 -14.45
N MET B 281 33.76 -7.53 -13.17
CA MET B 281 35.01 -8.05 -12.62
C MET B 281 34.86 -9.53 -12.30
N GLU B 282 35.83 -10.33 -12.72
CA GLU B 282 35.93 -11.72 -12.28
C GLU B 282 35.89 -11.79 -10.78
N GLY B 283 35.26 -12.85 -10.27
CA GLY B 283 35.29 -13.13 -8.85
C GLY B 283 34.37 -12.29 -7.99
N VAL B 284 33.47 -11.52 -8.59
CA VAL B 284 32.48 -10.77 -7.80
C VAL B 284 31.13 -11.43 -7.96
N PRO B 285 30.68 -12.23 -6.98
CA PRO B 285 29.43 -12.98 -7.14
C PRO B 285 28.21 -12.07 -6.98
N SER B 286 27.25 -12.21 -7.90
CA SER B 286 26.05 -11.37 -7.85
C SER B 286 25.30 -11.55 -6.54
N ALA B 287 25.39 -12.73 -5.92
CA ALA B 287 24.69 -12.94 -4.65
C ALA B 287 25.23 -12.07 -3.54
N LYS B 288 26.41 -11.49 -3.69
CA LYS B 288 26.94 -10.62 -2.65
C LYS B 288 26.67 -9.15 -2.92
N ILE B 289 26.15 -8.80 -4.09
CA ILE B 289 25.87 -7.39 -4.38
C ILE B 289 24.51 -7.04 -3.81
N VAL B 290 24.46 -5.99 -3.02
CA VAL B 290 23.21 -5.49 -2.48
C VAL B 290 22.97 -4.09 -3.04
N MET B 291 21.81 -3.89 -3.65
CA MET B 291 21.43 -2.59 -4.20
C MET B 291 20.95 -1.67 -3.08
N GLY B 292 21.60 -0.52 -2.95
CA GLY B 292 21.10 0.49 -2.06
C GLY B 292 19.96 1.28 -2.70
N VAL B 293 19.01 1.68 -1.86
CA VAL B 293 17.93 2.56 -2.29
C VAL B 293 17.78 3.68 -1.26
N PRO B 294 17.43 4.89 -1.69
CA PRO B 294 17.21 5.99 -0.74
C PRO B 294 15.77 6.06 -0.25
N PHE B 295 15.62 6.29 1.06
CA PHE B 295 14.32 6.62 1.64
C PHE B 295 14.13 8.13 1.80
N TYR B 296 14.86 8.93 1.01
CA TYR B 296 14.75 10.38 1.04
C TYR B 296 14.82 10.90 -0.39
N GLY B 297 14.39 12.14 -0.57
CA GLY B 297 14.58 12.79 -1.84
C GLY B 297 15.53 13.96 -1.72
N ARG B 298 16.05 14.43 -2.86
CA ARG B 298 16.87 15.63 -2.93
C ARG B 298 16.15 16.66 -3.77
N ALA B 299 16.12 17.90 -3.29
CA ALA B 299 15.28 18.93 -3.87
C ALA B 299 16.12 20.06 -4.44
N PHE B 300 15.68 20.60 -5.57
CA PHE B 300 16.33 21.67 -6.31
C PHE B 300 15.38 22.86 -6.42
N LYS B 301 15.95 24.07 -6.40
CA LYS B 301 15.21 25.30 -6.65
C LYS B 301 15.74 25.99 -7.92
N GLY B 302 14.90 26.87 -8.45
CA GLY B 302 15.25 27.64 -9.64
C GLY B 302 15.14 26.88 -10.93
N VAL B 303 14.25 25.91 -11.03
CA VAL B 303 14.26 25.00 -12.16
C VAL B 303 13.25 25.47 -13.19
N SER B 304 13.54 25.17 -14.46
CA SER B 304 12.71 25.60 -15.58
C SER B 304 11.72 24.50 -15.95
N GLY B 305 10.48 24.90 -16.22
CA GLY B 305 9.49 23.97 -16.68
C GLY B 305 9.83 23.47 -18.06
N GLY B 306 8.96 22.60 -18.58
CA GLY B 306 9.18 22.04 -19.88
C GLY B 306 9.34 20.53 -19.81
N ASN B 307 10.30 20.08 -19.03
CA ASN B 307 10.47 18.66 -18.78
C ASN B 307 10.22 18.34 -17.30
N GLY B 308 9.26 19.04 -16.70
CA GLY B 308 8.88 18.79 -15.32
C GLY B 308 9.97 19.07 -14.31
N GLY B 309 10.91 19.97 -14.64
CA GLY B 309 12.08 20.19 -13.82
C GLY B 309 13.25 19.27 -14.11
N GLN B 310 13.06 18.23 -14.94
CA GLN B 310 14.12 17.28 -15.23
C GLN B 310 15.20 17.93 -16.08
N TYR B 311 16.45 17.69 -15.72
CA TYR B 311 17.58 18.00 -16.60
C TYR B 311 17.66 19.50 -16.87
N SER B 312 17.33 20.28 -15.86
CA SER B 312 17.26 21.73 -16.00
C SER B 312 18.31 22.38 -15.12
N SER B 313 18.79 23.54 -15.56
CA SER B 313 19.60 24.42 -14.74
C SER B 313 18.84 24.76 -13.45
N HIS B 314 19.59 25.18 -12.44
CA HIS B 314 19.01 25.37 -11.12
C HIS B 314 19.90 26.30 -10.31
N SER B 315 19.35 26.78 -9.19
CA SER B 315 19.98 27.75 -8.32
C SER B 315 20.08 27.22 -6.90
N THR B 316 20.37 25.93 -6.74
CA THR B 316 20.44 25.33 -5.41
C THR B 316 21.86 25.36 -4.88
N PRO B 317 22.12 25.97 -3.72
CA PRO B 317 23.47 25.92 -3.13
C PRO B 317 23.94 24.49 -2.91
N GLY B 318 25.25 24.30 -3.05
CA GLY B 318 25.86 23.01 -2.81
C GLY B 318 26.73 22.95 -1.57
N GLU B 319 26.81 24.04 -0.81
CA GLU B 319 27.67 24.09 0.36
C GLU B 319 27.11 23.21 1.46
N ASP B 320 28.00 22.66 2.28
CA ASP B 320 27.60 22.10 3.56
C ASP B 320 28.33 22.82 4.68
N PRO B 321 27.61 23.35 5.69
CA PRO B 321 26.15 23.25 5.77
C PRO B 321 25.45 24.22 4.82
N TYR B 322 24.13 24.04 4.66
CA TYR B 322 23.33 24.92 3.85
C TYR B 322 23.59 26.38 4.25
N PRO B 323 23.92 27.27 3.30
CA PRO B 323 24.41 28.61 3.65
C PRO B 323 23.40 29.50 4.37
N SER B 324 22.23 29.67 3.76
CA SER B 324 21.29 30.71 4.16
C SER B 324 20.26 30.15 5.14
N THR B 325 19.15 30.88 5.30
CA THR B 325 17.98 30.39 6.01
C THR B 325 16.76 30.36 5.11
N ASP B 326 16.91 30.69 3.82
CA ASP B 326 15.89 30.48 2.81
C ASP B 326 15.39 29.03 2.85
N TYR B 327 14.27 28.78 3.53
CA TYR B 327 13.70 27.43 3.60
C TYR B 327 12.57 27.34 2.57
N TRP B 328 12.96 27.01 1.33
CA TRP B 328 12.11 27.17 0.15
C TRP B 328 11.42 25.88 -0.28
N LEU B 329 11.57 24.78 0.44
CA LEU B 329 10.86 23.55 0.04
C LEU B 329 9.50 23.61 0.73
N VAL B 330 8.50 24.11 0.00
CA VAL B 330 7.22 24.45 0.62
C VAL B 330 6.57 23.18 1.13
N GLY B 331 6.12 23.20 2.38
CA GLY B 331 5.52 22.05 3.01
C GLY B 331 6.49 21.14 3.76
N CYS B 332 7.79 21.39 3.69
CA CYS B 332 8.77 20.51 4.35
C CYS B 332 9.08 21.03 5.74
N GLU B 333 8.19 20.72 6.69
CA GLU B 333 8.43 21.13 8.06
C GLU B 333 9.71 20.49 8.60
N GLU B 334 9.95 19.23 8.23
CA GLU B 334 11.15 18.52 8.66
C GLU B 334 12.42 19.23 8.21
N CYS B 335 12.38 19.90 7.05
CA CYS B 335 13.52 20.71 6.62
C CYS B 335 13.86 21.80 7.63
N VAL B 336 12.85 22.43 8.23
CA VAL B 336 13.11 23.50 9.19
C VAL B 336 13.84 22.96 10.41
N ARG B 337 13.34 21.85 10.97
CA ARG B 337 14.01 21.18 12.08
C ARG B 337 15.47 20.95 11.76
N ASP B 338 15.76 20.40 10.58
CA ASP B 338 17.12 20.03 10.23
C ASP B 338 17.88 21.13 9.53
N LYS B 339 17.24 22.27 9.26
CA LYS B 339 17.90 23.46 8.69
C LYS B 339 18.46 23.19 7.30
N ASP B 340 17.73 22.44 6.48
CA ASP B 340 18.18 22.22 5.12
C ASP B 340 17.01 21.90 4.20
N PRO B 341 16.73 22.73 3.19
CA PRO B 341 15.63 22.45 2.26
C PRO B 341 16.00 21.51 1.11
N ARG B 342 17.23 20.98 1.07
CA ARG B 342 17.68 20.20 -0.09
C ARG B 342 17.45 18.70 0.05
N ILE B 343 17.10 18.21 1.24
CA ILE B 343 16.84 16.80 1.47
C ILE B 343 15.56 16.68 2.30
N ALA B 344 14.72 15.72 1.92
CA ALA B 344 13.47 15.49 2.64
C ALA B 344 13.17 14.01 2.66
N SER B 345 12.77 13.51 3.83
CA SER B 345 12.45 12.10 3.99
C SER B 345 11.23 11.73 3.14
N TYR B 346 11.14 10.45 2.77
CA TYR B 346 9.94 10.00 2.08
C TYR B 346 8.70 10.28 2.90
N ARG B 347 8.75 9.99 4.21
CA ARG B 347 7.65 10.37 5.10
C ARG B 347 7.21 11.80 4.81
N GLN B 348 8.17 12.72 4.77
CA GLN B 348 7.82 14.13 4.62
C GLN B 348 7.33 14.43 3.21
N LEU B 349 7.93 13.83 2.19
CA LEU B 349 7.50 14.08 0.82
C LEU B 349 6.10 13.53 0.58
N GLU B 350 5.79 12.39 1.21
CA GLU B 350 4.45 11.85 1.13
C GLU B 350 3.44 12.84 1.68
N GLN B 351 3.77 13.49 2.80
CA GLN B 351 2.86 14.47 3.38
C GLN B 351 2.77 15.72 2.53
N MET B 352 3.81 16.06 1.79
CA MET B 352 3.73 17.20 0.89
C MET B 352 2.80 16.88 -0.28
N LEU B 353 2.87 15.66 -0.80
CA LEU B 353 2.02 15.27 -1.92
C LEU B 353 0.54 15.27 -1.54
N GLN B 354 0.22 14.82 -0.33
CA GLN B 354 -1.16 14.77 0.13
C GLN B 354 -1.56 15.99 0.94
N GLY B 355 -0.73 17.03 0.97
CA GLY B 355 -1.01 18.24 1.73
C GLY B 355 -1.44 19.44 0.92
N ASN B 356 -1.65 19.30 -0.40
CA ASN B 356 -2.15 20.37 -1.26
C ASN B 356 -1.21 21.59 -1.21
N TYR B 357 0.00 21.37 -1.72
CA TYR B 357 1.04 22.39 -1.70
C TYR B 357 1.47 22.83 -3.08
N GLY B 358 0.89 22.28 -4.14
CA GLY B 358 1.29 22.61 -5.48
C GLY B 358 2.30 21.68 -6.10
N TYR B 359 2.62 20.57 -5.43
CA TYR B 359 3.52 19.58 -6.01
C TYR B 359 2.75 18.63 -6.90
N GLN B 360 3.35 18.30 -8.03
CA GLN B 360 2.83 17.30 -8.94
C GLN B 360 3.82 16.14 -8.96
N ARG B 361 3.33 14.93 -8.68
CA ARG B 361 4.16 13.74 -8.80
C ARG B 361 4.18 13.30 -10.27
N LEU B 362 5.37 13.25 -10.85
CA LEU B 362 5.53 12.74 -12.21
C LEU B 362 6.31 11.43 -12.20
N TRP B 363 6.37 10.80 -13.37
CA TRP B 363 7.03 9.51 -13.51
C TRP B 363 7.90 9.50 -14.77
N ASN B 364 9.15 9.06 -14.62
CA ASN B 364 10.03 8.86 -15.77
C ASN B 364 10.06 7.37 -16.07
N ASP B 365 9.54 6.99 -17.23
CA ASP B 365 9.43 5.58 -17.57
C ASP B 365 10.70 5.01 -18.20
N LYS B 366 11.74 5.84 -18.39
CA LYS B 366 13.06 5.31 -18.69
C LYS B 366 13.81 4.96 -17.42
N THR B 367 13.91 5.93 -16.50
CA THR B 367 14.60 5.72 -15.24
C THR B 367 13.81 4.88 -14.25
N LYS B 368 12.48 4.78 -14.44
CA LYS B 368 11.61 4.05 -13.54
C LYS B 368 11.63 4.64 -12.13
N THR B 369 11.66 5.96 -12.05
CA THR B 369 11.66 6.65 -10.78
C THR B 369 10.66 7.80 -10.78
N PRO B 370 10.14 8.14 -9.61
CA PRO B 370 9.25 9.31 -9.50
C PRO B 370 10.05 10.58 -9.33
N TYR B 371 9.35 11.70 -9.53
CA TYR B 371 9.89 13.00 -9.15
C TYR B 371 8.75 13.98 -8.95
N LEU B 372 9.01 15.01 -8.15
CA LEU B 372 8.08 16.09 -7.92
C LEU B 372 8.51 17.32 -8.71
N TYR B 373 7.54 17.96 -9.36
CA TYR B 373 7.74 19.26 -9.96
C TYR B 373 6.78 20.24 -9.29
N HIS B 374 7.32 21.35 -8.78
CA HIS B 374 6.48 22.43 -8.26
C HIS B 374 6.47 23.52 -9.33
N ALA B 375 5.44 23.50 -10.17
CA ALA B 375 5.42 24.38 -11.35
C ALA B 375 5.41 25.85 -10.94
N GLN B 376 4.66 26.21 -9.90
CA GLN B 376 4.60 27.60 -9.47
C GLN B 376 5.95 28.09 -8.94
N ASN B 377 6.52 27.38 -7.97
CA ASN B 377 7.77 27.79 -7.35
C ASN B 377 9.00 27.33 -8.11
N GLY B 378 8.84 26.61 -9.22
CA GLY B 378 9.97 26.10 -9.95
C GLY B 378 10.89 25.19 -9.13
N LEU B 379 10.31 24.13 -8.54
CA LEU B 379 11.07 23.19 -7.73
C LEU B 379 10.99 21.79 -8.35
N PHE B 380 12.05 21.02 -8.13
CA PHE B 380 12.15 19.65 -8.58
C PHE B 380 12.71 18.79 -7.45
N VAL B 381 12.12 17.61 -7.26
CA VAL B 381 12.55 16.67 -6.23
C VAL B 381 12.72 15.30 -6.89
N THR B 382 13.91 14.72 -6.74
CA THR B 382 14.15 13.34 -7.15
C THR B 382 14.04 12.47 -5.90
N TYR B 383 13.27 11.38 -6.00
CA TYR B 383 13.12 10.50 -4.85
C TYR B 383 12.72 9.11 -5.33
N ASP B 384 12.60 8.18 -4.38
CA ASP B 384 12.13 6.82 -4.67
C ASP B 384 10.87 6.54 -3.87
N ASP B 385 10.08 5.57 -4.35
CA ASP B 385 8.84 5.19 -3.68
C ASP B 385 8.54 3.72 -3.96
N ALA B 386 7.34 3.27 -3.53
CA ALA B 386 6.96 1.87 -3.68
C ALA B 386 6.84 1.46 -5.15
N GLU B 387 6.49 2.41 -6.03
CA GLU B 387 6.43 2.08 -7.45
C GLU B 387 7.83 1.82 -8.01
N SER B 388 8.78 2.74 -7.76
CA SER B 388 10.13 2.53 -8.27
C SER B 388 10.78 1.31 -7.63
N PHE B 389 10.40 0.98 -6.40
CA PHE B 389 10.93 -0.21 -5.76
C PHE B 389 10.44 -1.48 -6.41
N LYS B 390 9.30 -1.43 -7.11
CA LYS B 390 8.87 -2.57 -7.90
C LYS B 390 9.91 -2.92 -8.95
N TYR B 391 10.38 -1.92 -9.69
CA TYR B 391 11.33 -2.22 -10.77
C TYR B 391 12.66 -2.67 -10.20
N LYS B 392 13.12 -2.01 -9.13
CA LYS B 392 14.42 -2.37 -8.54
C LYS B 392 14.37 -3.76 -7.92
N ALA B 393 13.22 -4.13 -7.34
CA ALA B 393 13.09 -5.47 -6.79
C ALA B 393 13.18 -6.51 -7.90
N LYS B 394 12.44 -6.30 -8.98
CA LYS B 394 12.51 -7.26 -10.07
C LYS B 394 13.91 -7.32 -10.65
N TYR B 395 14.57 -6.16 -10.78
CA TYR B 395 15.98 -6.14 -11.16
C TYR B 395 16.81 -7.02 -10.25
N ILE B 396 16.72 -6.78 -8.94
CA ILE B 396 17.44 -7.58 -7.95
C ILE B 396 17.20 -9.06 -8.18
N LYS B 397 15.96 -9.43 -8.49
CA LYS B 397 15.65 -10.84 -8.72
C LYS B 397 16.23 -11.31 -10.05
N GLN B 398 16.04 -10.52 -11.11
CA GLN B 398 16.53 -10.93 -12.42
C GLN B 398 18.05 -11.10 -12.42
N GLN B 399 18.78 -10.17 -11.80
CA GLN B 399 20.26 -10.21 -11.78
C GLN B 399 20.82 -11.08 -10.66
N GLN B 400 19.96 -11.69 -9.85
CA GLN B 400 20.39 -12.58 -8.76
C GLN B 400 21.29 -11.86 -7.77
N LEU B 401 20.94 -10.63 -7.46
CA LEU B 401 21.64 -9.87 -6.43
C LEU B 401 21.28 -10.41 -5.04
N GLY B 402 22.05 -9.97 -4.03
CA GLY B 402 21.83 -10.44 -2.68
C GLY B 402 20.61 -9.85 -1.99
N GLY B 403 20.17 -8.67 -2.40
CA GLY B 403 19.04 -8.06 -1.75
C GLY B 403 19.16 -6.55 -1.86
N VAL B 404 18.53 -5.88 -0.90
CA VAL B 404 18.35 -4.44 -0.95
C VAL B 404 18.89 -3.84 0.35
N MET B 405 19.46 -2.65 0.24
CA MET B 405 19.86 -1.85 1.39
C MET B 405 19.24 -0.47 1.24
N PHE B 406 18.91 0.15 2.38
CA PHE B 406 18.36 1.50 2.31
C PHE B 406 18.84 2.34 3.48
N TRP B 407 18.96 3.63 3.19
CA TRP B 407 19.25 4.69 4.14
C TRP B 407 18.07 5.65 4.10
N HIS B 408 17.36 5.82 5.23
CA HIS B 408 17.47 4.99 6.42
C HIS B 408 16.08 4.80 7.04
N LEU B 409 15.99 3.93 8.05
CA LEU B 409 14.69 3.53 8.60
C LEU B 409 13.86 4.72 9.04
N GLY B 410 14.51 5.76 9.60
CA GLY B 410 13.81 6.92 10.14
C GLY B 410 13.08 7.74 9.11
N GLN B 411 13.36 7.51 7.83
CA GLN B 411 12.80 8.33 6.77
C GLN B 411 11.59 7.71 6.11
N ASP B 412 11.27 6.47 6.46
CA ASP B 412 10.03 5.84 6.00
C ASP B 412 8.85 6.54 6.64
N ASN B 413 7.66 6.30 6.10
CA ASN B 413 6.50 6.87 6.75
C ASN B 413 6.16 6.07 8.01
N ARG B 414 5.22 6.62 8.79
CA ARG B 414 4.96 6.02 10.11
C ARG B 414 4.50 4.57 10.00
N ASN B 415 3.83 4.19 8.90
CA ASN B 415 3.39 2.81 8.72
C ASN B 415 4.46 1.92 8.09
N GLY B 416 5.63 2.45 7.76
CA GLY B 416 6.69 1.67 7.15
C GLY B 416 6.36 1.15 5.76
N ASP B 417 5.71 1.96 4.92
CA ASP B 417 5.23 1.44 3.64
C ASP B 417 6.37 1.07 2.70
N LEU B 418 7.44 1.85 2.67
CA LEU B 418 8.58 1.51 1.80
C LEU B 418 9.17 0.16 2.19
N LEU B 419 9.44 -0.04 3.48
CA LEU B 419 9.97 -1.33 3.93
C LEU B 419 8.99 -2.47 3.61
N ALA B 420 7.70 -2.26 3.89
CA ALA B 420 6.73 -3.31 3.61
C ALA B 420 6.69 -3.62 2.12
N ALA B 421 6.76 -2.59 1.28
CA ALA B 421 6.84 -2.80 -0.16
C ALA B 421 8.00 -3.71 -0.55
N LEU B 422 9.20 -3.41 -0.03
CA LEU B 422 10.35 -4.23 -0.37
C LEU B 422 10.13 -5.68 0.06
N ASP B 423 9.68 -5.87 1.32
CA ASP B 423 9.38 -7.23 1.79
C ASP B 423 8.37 -7.90 0.89
N ARG B 424 7.31 -7.16 0.51
CA ARG B 424 6.27 -7.70 -0.35
C ARG B 424 6.81 -8.14 -1.71
N TYR B 425 7.62 -7.30 -2.36
CA TYR B 425 8.04 -7.63 -3.72
C TYR B 425 8.92 -8.86 -3.73
N PHE B 426 9.64 -9.11 -2.63
CA PHE B 426 10.49 -10.30 -2.58
C PHE B 426 9.76 -11.53 -2.10
N ASN B 427 8.75 -11.38 -1.24
CA ASN B 427 8.29 -12.53 -0.45
C ASN B 427 6.79 -12.80 -0.46
N ALA B 428 5.94 -11.86 -0.90
CA ALA B 428 4.51 -12.02 -0.71
C ALA B 428 3.91 -12.93 -1.78
N ALA B 429 3.08 -13.87 -1.33
CA ALA B 429 2.36 -14.71 -2.29
C ALA B 429 1.33 -13.90 -3.08
N ASP B 430 0.91 -12.74 -2.59
CA ASP B 430 -0.12 -11.95 -3.24
C ASP B 430 0.46 -10.89 -4.18
N TYR B 431 1.74 -10.97 -4.51
CA TYR B 431 2.40 -10.06 -5.42
C TYR B 431 2.94 -10.85 -6.61
N ASP B 432 2.72 -10.34 -7.82
CA ASP B 432 3.16 -10.98 -9.05
C ASP B 432 3.72 -9.91 -9.96
N ASP B 433 5.05 -9.89 -10.14
CA ASP B 433 5.73 -8.95 -11.04
C ASP B 433 6.15 -9.61 -12.37
N SER B 434 5.64 -10.80 -12.68
CA SER B 434 6.08 -11.51 -13.88
C SER B 434 5.77 -10.72 -15.15
N GLN B 435 4.75 -9.85 -15.12
CA GLN B 435 4.42 -9.01 -16.27
C GLN B 435 4.95 -7.59 -16.14
N LEU B 436 5.67 -7.27 -15.08
CA LEU B 436 6.21 -5.92 -14.90
C LEU B 436 7.21 -5.62 -16.01
N ASP B 437 6.94 -4.57 -16.80
CA ASP B 437 7.72 -4.27 -17.99
C ASP B 437 8.87 -3.33 -17.61
N MET B 438 10.11 -3.83 -17.75
CA MET B 438 11.26 -3.06 -17.29
C MET B 438 11.58 -1.88 -18.20
N GLY B 439 10.79 -1.65 -19.24
CA GLY B 439 10.97 -0.46 -20.06
C GLY B 439 12.16 -0.56 -21.00
N THR B 440 12.48 0.57 -21.61
CA THR B 440 13.55 0.63 -22.59
C THR B 440 14.62 1.65 -22.23
N GLY B 441 14.74 2.01 -20.96
CA GLY B 441 15.81 2.89 -20.55
C GLY B 441 17.17 2.30 -20.89
N LEU B 442 18.16 3.19 -20.98
CA LEU B 442 19.49 2.76 -21.37
C LEU B 442 20.08 1.79 -20.35
N ARG B 443 20.50 0.61 -20.84
CA ARG B 443 21.26 -0.37 -20.07
C ARG B 443 22.76 -0.09 -20.18
N TYR B 444 23.51 -0.53 -19.17
CA TYR B 444 24.98 -0.42 -19.22
C TYR B 444 25.52 -1.68 -19.92
N THR B 445 26.17 -1.48 -21.08
CA THR B 445 26.54 -2.62 -21.91
C THR B 445 28.03 -2.92 -21.90
N GLY B 446 28.77 -2.39 -20.94
CA GLY B 446 30.17 -2.76 -20.82
C GLY B 446 30.33 -4.25 -20.62
N VAL B 447 31.38 -4.80 -21.24
CA VAL B 447 31.75 -6.21 -21.10
C VAL B 447 33.15 -6.28 -20.52
N GLY B 448 33.32 -7.07 -19.47
CA GLY B 448 34.60 -7.23 -18.84
C GLY B 448 34.91 -8.70 -18.62
N PRO B 449 35.96 -8.99 -17.86
CA PRO B 449 36.31 -10.40 -17.62
C PRO B 449 35.24 -11.19 -16.89
N GLY B 450 34.45 -10.54 -16.04
CA GLY B 450 33.43 -11.23 -15.26
C GLY B 450 32.12 -11.49 -15.97
N ASN B 451 31.91 -10.95 -17.17
CA ASN B 451 30.67 -11.22 -17.91
C ASN B 451 30.98 -11.54 -19.37
N LEU B 452 32.12 -12.17 -19.63
CA LEU B 452 32.36 -12.72 -20.95
C LEU B 452 31.30 -13.78 -21.29
N PRO B 453 30.75 -13.77 -22.49
CA PRO B 453 29.82 -14.84 -22.87
C PRO B 453 30.53 -16.14 -23.23
N ILE B 454 29.79 -17.24 -23.11
CA ILE B 454 30.25 -18.48 -23.70
C ILE B 454 30.24 -18.34 -25.22
N MET B 455 31.29 -18.83 -25.86
CA MET B 455 31.44 -18.71 -27.29
C MET B 455 32.12 -19.96 -27.81
N THR B 456 32.00 -20.16 -29.11
CA THR B 456 32.46 -21.38 -29.76
C THR B 456 33.31 -21.03 -30.96
N ALA B 457 34.51 -21.60 -31.02
CA ALA B 457 35.44 -21.27 -32.08
C ALA B 457 36.40 -22.43 -32.26
N PRO B 458 36.91 -22.63 -33.46
CA PRO B 458 37.95 -23.66 -33.67
C PRO B 458 39.15 -23.47 -32.77
N ALA B 459 39.75 -24.58 -32.34
CA ALA B 459 40.95 -24.50 -31.53
C ALA B 459 42.04 -23.75 -32.29
N TYR B 460 42.91 -23.09 -31.53
CA TYR B 460 44.05 -22.40 -32.12
C TYR B 460 45.03 -23.41 -32.68
N VAL B 461 45.40 -23.23 -33.95
CA VAL B 461 46.37 -24.11 -34.60
C VAL B 461 47.70 -23.35 -34.67
N PRO B 462 48.71 -23.72 -33.88
CA PRO B 462 50.01 -23.06 -34.00
C PRO B 462 50.53 -23.20 -35.42
N GLY B 463 51.23 -22.17 -35.88
CA GLY B 463 51.78 -22.17 -37.22
C GLY B 463 50.83 -21.69 -38.27
N THR B 464 49.61 -21.33 -37.87
CA THR B 464 48.63 -20.78 -38.78
C THR B 464 48.74 -19.26 -38.78
N THR B 465 48.49 -18.67 -39.94
CA THR B 465 48.44 -17.23 -40.07
C THR B 465 46.98 -16.81 -40.15
N TYR B 466 46.52 -16.07 -39.15
CA TYR B 466 45.12 -15.69 -39.10
C TYR B 466 44.93 -14.28 -39.62
N ALA B 467 43.82 -14.07 -40.31
CA ALA B 467 43.44 -12.73 -40.75
C ALA B 467 42.73 -11.98 -39.63
N GLN B 468 42.45 -10.71 -39.90
CA GLN B 468 41.77 -9.86 -38.94
C GLN B 468 40.34 -10.32 -38.69
N GLY B 469 39.94 -10.36 -37.42
CA GLY B 469 38.61 -10.77 -37.06
C GLY B 469 38.43 -12.25 -36.81
N ALA B 470 39.44 -13.07 -37.13
CA ALA B 470 39.32 -14.50 -36.92
C ALA B 470 39.03 -14.81 -35.46
N LEU B 471 38.31 -15.91 -35.25
CA LEU B 471 37.89 -16.36 -33.94
C LEU B 471 38.54 -17.70 -33.65
N VAL B 472 39.09 -17.85 -32.45
CA VAL B 472 39.90 -19.00 -32.13
C VAL B 472 39.73 -19.30 -30.65
N SER B 473 39.75 -20.58 -30.33
CA SER B 473 39.55 -21.06 -28.98
C SER B 473 40.89 -21.54 -28.45
N TYR B 474 41.22 -21.13 -27.22
CA TYR B 474 42.58 -21.39 -26.73
C TYR B 474 42.68 -21.15 -25.23
N GLN B 475 43.08 -22.18 -24.49
CA GLN B 475 43.29 -22.10 -23.05
C GLN B 475 42.07 -21.49 -22.33
N GLY B 476 40.89 -21.96 -22.70
CA GLY B 476 39.70 -21.61 -21.95
C GLY B 476 39.01 -20.33 -22.38
N TYR B 477 39.48 -19.68 -23.44
CA TYR B 477 38.83 -18.45 -23.92
C TYR B 477 38.72 -18.52 -25.43
N VAL B 478 37.80 -17.72 -25.96
CA VAL B 478 37.72 -17.43 -27.39
C VAL B 478 38.35 -16.07 -27.63
N TRP B 479 39.26 -16.02 -28.60
CA TRP B 479 40.09 -14.85 -28.90
C TRP B 479 39.80 -14.37 -30.32
N GLN B 480 39.88 -13.06 -30.50
CA GLN B 480 39.69 -12.44 -31.80
C GLN B 480 40.92 -11.61 -32.14
N THR B 481 41.36 -11.70 -33.39
CA THR B 481 42.48 -10.90 -33.88
C THR B 481 42.02 -9.48 -34.15
N LYS B 482 42.88 -8.51 -33.82
CA LYS B 482 42.59 -7.10 -34.10
C LYS B 482 43.17 -6.61 -35.42
N TRP B 483 44.14 -7.32 -35.99
CA TRP B 483 44.66 -6.98 -37.31
C TRP B 483 45.07 -8.29 -38.00
N GLY B 484 45.66 -8.17 -39.20
CA GLY B 484 45.94 -9.32 -40.03
C GLY B 484 47.34 -9.89 -39.87
N TYR B 485 47.57 -11.01 -40.57
CA TYR B 485 48.83 -11.75 -40.56
C TYR B 485 49.29 -12.06 -39.14
N ILE B 486 48.40 -12.66 -38.38
CA ILE B 486 48.70 -13.02 -36.99
C ILE B 486 49.32 -14.42 -36.97
N THR B 487 50.57 -14.49 -36.54
CA THR B 487 51.28 -15.75 -36.39
C THR B 487 51.53 -16.09 -34.92
N SER B 488 51.27 -15.17 -34.00
CA SER B 488 51.47 -15.42 -32.58
C SER B 488 50.29 -16.16 -31.97
N ALA B 489 50.54 -16.76 -30.81
CA ALA B 489 49.46 -17.43 -30.11
C ALA B 489 48.64 -16.43 -29.30
N PRO B 490 47.38 -16.74 -29.04
CA PRO B 490 46.56 -15.88 -28.19
C PRO B 490 47.12 -15.78 -26.77
N GLY B 491 46.83 -14.66 -26.12
CA GLY B 491 47.21 -14.45 -24.74
C GLY B 491 48.59 -13.86 -24.60
N SER B 492 49.51 -14.39 -25.41
CA SER B 492 50.92 -14.04 -25.45
C SER B 492 51.22 -12.76 -26.24
N ASP B 493 50.20 -12.00 -26.65
CA ASP B 493 50.42 -11.05 -27.74
C ASP B 493 49.35 -9.97 -27.73
N SER B 494 49.79 -8.78 -28.15
CA SER B 494 48.91 -7.62 -28.28
C SER B 494 47.84 -7.81 -29.35
N ALA B 495 47.99 -8.80 -30.22
CA ALA B 495 47.12 -8.94 -31.39
C ALA B 495 45.79 -9.64 -31.12
N TRP B 496 45.63 -10.33 -30.00
CA TRP B 496 44.44 -11.11 -29.72
C TRP B 496 43.60 -10.47 -28.61
N LEU B 497 42.29 -10.41 -28.82
CA LEU B 497 41.36 -9.92 -27.81
C LEU B 497 40.55 -11.10 -27.26
N LYS B 498 40.56 -11.24 -25.94
CA LYS B 498 39.71 -12.21 -25.26
C LYS B 498 38.26 -11.74 -25.30
N VAL B 499 37.40 -12.44 -26.06
CA VAL B 499 36.02 -12.02 -26.30
C VAL B 499 34.99 -13.02 -25.81
N GLY B 500 35.39 -14.16 -25.27
CA GLY B 500 34.43 -15.16 -24.84
C GLY B 500 35.13 -16.28 -24.10
N ARG B 501 34.32 -17.14 -23.48
CA ARG B 501 34.82 -18.28 -22.69
C ARG B 501 34.53 -19.61 -23.38
#